data_3Q3A
#
_entry.id   3Q3A
#
_cell.length_a   65.168
_cell.length_b   79.104
_cell.length_c   68.912
_cell.angle_alpha   90.00
_cell.angle_beta   99.54
_cell.angle_gamma   90.00
#
_symmetry.space_group_name_H-M   'P 1 21 1'
#
loop_
_entity.id
_entity.type
_entity.pdbx_description
1 polymer 'Capsid protein'
2 branched beta-L-fucopyranose-(1-2)-beta-D-galactopyranose-(1-4)-2-acetamido-2-deoxy-beta-D-glucopyranose
3 non-polymer IMIDAZOLE
4 non-polymer 1,2-ETHANEDIOL
5 water water
#
_entity_poly.entity_id   1
_entity_poly.type   'polypeptide(L)'
_entity_poly.pdbx_seq_one_letter_code
;GPGSSKPFTLPILTLGELTNSRFPLPIDVLYTNPNESAIVQCQNGRCTLDGELQGTTQLLPTGICAFRGKVTQQVQDEHR
GTHWNMTVTNLNGTPFDPTEDVPAPLGTPDFSGQIYGVISQRNTNTVPGEGNLPANRAHEAVIATYSPKFTPKLGNIQFS
TWETQDVSSGQPTKFTPVGLASVDANSHFDQWTLPSYSGALTLNMNLAPSVAPVFPGECLLFFRSFIPLKGGYGNPAIDC
LMPQEWVQHLYQESAPSLSDVALVRYVNPETGRTLFEAKLHRNGFLTVARNSAGPVVAPTNGYFRFDSWVNQFYTLAPM
;
_entity_poly.pdbx_strand_id   A,B
#
loop_
_chem_comp.id
_chem_comp.type
_chem_comp.name
_chem_comp.formula
EDO non-polymer 1,2-ETHANEDIOL 'C2 H6 O2'
FUL L-saccharide, beta linking beta-L-fucopyranose 'C6 H12 O5'
GAL D-saccharide, beta linking beta-D-galactopyranose 'C6 H12 O6'
IMD non-polymer IMIDAZOLE 'C3 H5 N2 1'
NAG D-saccharide, beta linking 2-acetamido-2-deoxy-beta-D-glucopyranose 'C8 H15 N O6'
#
# COMPACT_ATOMS: atom_id res chain seq x y z
N SER A 5 -6.29 -11.67 30.79
CA SER A 5 -6.48 -10.80 29.64
C SER A 5 -5.15 -10.46 28.96
N LYS A 6 -5.10 -10.63 27.65
CA LYS A 6 -3.91 -10.32 26.86
C LYS A 6 -3.52 -8.84 26.98
N PRO A 7 -2.25 -8.57 27.33
CA PRO A 7 -1.81 -7.17 27.48
C PRO A 7 -1.94 -6.35 26.20
N PHE A 8 -2.42 -5.13 26.35
CA PHE A 8 -2.55 -4.22 25.20
C PHE A 8 -1.19 -3.70 24.76
N THR A 9 -0.98 -3.60 23.46
CA THR A 9 0.28 -3.08 22.91
C THR A 9 0.00 -2.30 21.62
N LEU A 10 0.92 -1.40 21.30
CA LEU A 10 0.96 -0.73 20.00
C LEU A 10 2.19 -1.25 19.27
N PRO A 11 2.22 -1.12 17.93
CA PRO A 11 3.45 -1.49 17.23
C PRO A 11 4.56 -0.50 17.56
N ILE A 12 5.81 -0.90 17.35
CA ILE A 12 6.94 -0.01 17.61
C ILE A 12 7.42 0.55 16.27
N LEU A 13 6.80 1.66 15.87
CA LEU A 13 7.05 2.25 14.55
C LEU A 13 7.19 3.74 14.68
N THR A 14 8.25 4.25 14.09
CA THR A 14 8.44 5.66 14.12
C THR A 14 7.46 6.21 13.11
N LEU A 15 7.29 7.52 13.13
CA LEU A 15 6.40 8.20 12.22
C LEU A 15 6.79 7.91 10.78
N GLY A 16 8.10 7.78 10.55
CA GLY A 16 8.61 7.49 9.22
C GLY A 16 8.41 6.06 8.76
N GLU A 17 7.78 5.24 9.60
CA GLU A 17 7.49 3.85 9.28
C GLU A 17 5.99 3.57 9.29
N LEU A 18 5.19 4.63 9.23
CA LEU A 18 3.73 4.52 9.29
C LEU A 18 3.09 5.04 8.01
N THR A 19 1.93 4.48 7.68
CA THR A 19 1.14 4.97 6.54
C THR A 19 -0.29 5.33 6.94
N ASN A 20 -0.86 6.23 6.14
CA ASN A 20 -2.22 6.73 6.36
C ASN A 20 -3.26 5.65 6.11
N SER A 21 -4.28 5.65 6.95
CA SER A 21 -5.37 4.69 6.78
C SER A 21 -6.53 5.20 5.93
N ARG A 22 -6.44 6.46 5.48
CA ARG A 22 -7.52 7.04 4.68
C ARG A 22 -7.13 7.29 3.22
N PHE A 23 -5.84 7.23 2.91
CA PHE A 23 -5.37 7.35 1.52
C PHE A 23 -3.99 6.69 1.49
N PRO A 24 -3.57 6.09 0.36
CA PRO A 24 -2.28 5.36 0.36
C PRO A 24 -1.08 6.32 0.32
N LEU A 25 -0.70 6.80 1.50
CA LEU A 25 0.35 7.84 1.62
C LEU A 25 1.11 7.55 2.88
N PRO A 26 2.39 7.89 2.93
CA PRO A 26 3.11 7.78 4.20
C PRO A 26 2.61 8.86 5.17
N ILE A 27 2.74 8.61 6.47
CA ILE A 27 2.49 9.68 7.45
C ILE A 27 3.62 10.71 7.38
N ASP A 28 3.26 11.99 7.23
CA ASP A 28 4.28 13.06 7.14
C ASP A 28 4.50 13.77 8.48
N VAL A 29 3.41 14.09 9.17
CA VAL A 29 3.53 14.82 10.44
C VAL A 29 2.36 14.51 11.33
N LEU A 30 2.51 14.70 12.64
CA LEU A 30 1.37 14.72 13.55
C LEU A 30 0.78 16.14 13.53
N TYR A 31 -0.51 16.26 13.77
CA TYR A 31 -1.19 17.52 13.49
C TYR A 31 -2.39 17.72 14.41
N THR A 32 -2.63 18.98 14.84
CA THR A 32 -3.85 19.32 15.58
C THR A 32 -4.56 20.50 14.93
N ASN A 33 -5.86 20.62 15.21
CA ASN A 33 -6.64 21.77 14.73
C ASN A 33 -7.85 21.95 15.66
N PRO A 34 -7.60 22.50 16.86
CA PRO A 34 -8.61 22.53 17.92
C PRO A 34 -9.89 23.26 17.53
N ASN A 35 -9.81 24.20 16.59
CA ASN A 35 -10.99 25.03 16.30
C ASN A 35 -11.81 24.52 15.13
N GLU A 36 -11.47 23.32 14.66
CA GLU A 36 -12.25 22.63 13.65
C GLU A 36 -13.73 22.65 13.98
N SER A 37 -14.53 23.15 13.05
CA SER A 37 -15.97 23.18 13.28
C SER A 37 -16.69 21.94 12.77
N ALA A 38 -16.05 21.21 11.87
CA ALA A 38 -16.72 20.05 11.28
C ALA A 38 -16.80 18.90 12.27
N ILE A 39 -17.82 18.09 12.15
CA ILE A 39 -17.89 16.83 12.86
C ILE A 39 -16.89 15.85 12.22
N VAL A 40 -16.02 15.28 13.05
CA VAL A 40 -15.01 14.34 12.58
C VAL A 40 -15.61 12.93 12.64
N GLN A 41 -15.86 12.34 11.47
CA GLN A 41 -16.55 11.06 11.41
C GLN A 41 -16.07 10.28 10.19
N CYS A 42 -14.77 10.23 10.01
CA CYS A 42 -14.22 9.43 8.92
C CYS A 42 -14.55 7.95 9.08
N GLN A 43 -14.55 7.23 7.96
CA GLN A 43 -15.02 5.84 7.89
C GLN A 43 -13.90 4.84 7.60
N ASN A 44 -12.79 5.30 7.01
CA ASN A 44 -11.57 4.50 6.90
C ASN A 44 -10.62 4.78 8.05
N GLY A 45 -9.79 3.79 8.39
CA GLY A 45 -8.94 3.89 9.57
C GLY A 45 -9.69 3.94 10.90
N ARG A 46 -10.76 3.12 10.97
CA ARG A 46 -11.61 3.07 12.16
C ARG A 46 -11.52 1.68 12.75
N CYS A 47 -10.99 1.60 13.97
CA CYS A 47 -10.80 0.31 14.64
C CYS A 47 -10.76 0.57 16.15
N THR A 48 -11.51 -0.21 16.92
CA THR A 48 -11.47 -0.05 18.38
C THR A 48 -10.16 -0.62 18.91
N LEU A 49 -9.80 -0.25 20.14
CA LEU A 49 -8.57 -0.74 20.75
C LEU A 49 -8.60 -2.25 20.93
N ASP A 50 -9.79 -2.84 20.96
CA ASP A 50 -9.88 -4.29 21.10
C ASP A 50 -10.08 -5.03 19.77
N GLY A 51 -9.81 -4.32 18.67
CA GLY A 51 -9.64 -4.94 17.36
C GLY A 51 -10.86 -5.01 16.45
N GLU A 52 -11.90 -4.24 16.76
CA GLU A 52 -13.12 -4.26 15.94
C GLU A 52 -13.08 -3.19 14.83
N LEU A 53 -13.03 -3.63 13.58
CA LEU A 53 -13.04 -2.72 12.45
C LEU A 53 -14.40 -2.09 12.34
N GLN A 54 -14.43 -0.79 12.02
CA GLN A 54 -15.69 -0.08 11.88
C GLN A 54 -15.76 0.69 10.56
N GLY A 55 -16.92 1.23 10.26
CA GLY A 55 -17.10 1.98 9.02
C GLY A 55 -16.83 1.16 7.76
N THR A 56 -16.01 1.70 6.87
CA THR A 56 -15.62 0.98 5.64
C THR A 56 -14.18 0.46 5.77
N THR A 57 -13.67 0.34 6.98
CA THR A 57 -12.26 -0.01 7.16
C THR A 57 -11.95 -1.48 6.83
N GLN A 58 -10.91 -1.68 6.04
CA GLN A 58 -10.40 -3.01 5.76
C GLN A 58 -8.88 -2.96 5.96
N LEU A 59 -8.23 -4.11 5.85
CA LEU A 59 -6.86 -4.25 6.31
C LEU A 59 -5.80 -3.93 5.26
N LEU A 60 -6.13 -4.03 3.97
CA LEU A 60 -5.08 -3.90 2.96
C LEU A 60 -4.72 -2.45 2.69
N PRO A 61 -3.43 -2.11 2.73
CA PRO A 61 -3.05 -0.75 2.29
C PRO A 61 -3.44 -0.50 0.84
N THR A 62 -3.48 -1.53 0.02
CA THR A 62 -3.86 -1.38 -1.40
C THR A 62 -5.36 -1.21 -1.60
N GLY A 63 -6.14 -1.43 -0.54
CA GLY A 63 -7.60 -1.37 -0.66
C GLY A 63 -8.14 0.01 -0.32
N ILE A 64 -7.33 0.88 0.30
CA ILE A 64 -7.84 2.17 0.75
C ILE A 64 -8.11 3.07 -0.46
N CYS A 65 -9.36 3.50 -0.63
CA CYS A 65 -9.81 4.31 -1.79
C CYS A 65 -9.66 3.58 -3.11
N ALA A 66 -9.66 2.25 -3.05
CA ALA A 66 -9.64 1.46 -4.27
C ALA A 66 -11.03 0.98 -4.65
N PHE A 67 -11.21 0.67 -5.93
CA PHE A 67 -12.40 -0.03 -6.38
C PHE A 67 -12.05 -1.16 -7.31
N ARG A 68 -12.91 -2.18 -7.31
CA ARG A 68 -12.84 -3.27 -8.28
CA ARG A 68 -12.83 -3.25 -8.28
C ARG A 68 -14.23 -3.47 -8.83
N GLY A 69 -14.33 -3.75 -10.13
CA GLY A 69 -15.64 -3.98 -10.74
C GLY A 69 -15.52 -4.16 -12.23
N LYS A 70 -16.54 -3.66 -12.94
CA LYS A 70 -16.59 -3.78 -14.40
C LYS A 70 -17.23 -2.55 -14.97
N VAL A 71 -16.59 -1.98 -15.98
CA VAL A 71 -17.23 -0.90 -16.72
C VAL A 71 -18.49 -1.41 -17.41
N THR A 72 -19.58 -0.65 -17.35
CA THR A 72 -20.78 -1.00 -18.13
C THR A 72 -20.72 -0.28 -19.46
N GLN A 73 -20.87 1.04 -19.45
CA GLN A 73 -20.84 1.84 -20.69
C GLN A 73 -20.32 3.23 -20.44
N GLN A 74 -19.93 3.91 -21.51
CA GLN A 74 -19.75 5.35 -21.46
C GLN A 74 -21.12 5.98 -21.13
N VAL A 75 -21.11 7.07 -20.38
CA VAL A 75 -22.34 7.75 -20.00
C VAL A 75 -22.25 9.23 -20.21
N GLN A 76 -23.42 9.87 -20.35
CA GLN A 76 -23.47 11.31 -20.48
C GLN A 76 -23.34 11.98 -19.13
N ASP A 77 -22.62 13.08 -19.09
CA ASP A 77 -22.49 13.90 -17.91
C ASP A 77 -22.24 15.33 -18.38
N GLU A 78 -22.79 16.31 -17.68
CA GLU A 78 -22.65 17.71 -18.08
C GLU A 78 -21.21 18.19 -17.96
N HIS A 79 -20.49 17.61 -17.00
CA HIS A 79 -19.13 18.03 -16.71
C HIS A 79 -18.15 17.61 -17.79
N ARG A 80 -17.03 18.30 -17.87
CA ARG A 80 -16.11 18.05 -18.98
C ARG A 80 -15.43 16.69 -18.80
N GLY A 81 -14.99 16.12 -19.91
CA GLY A 81 -14.30 14.85 -19.89
C GLY A 81 -15.21 13.77 -20.45
N THR A 82 -14.70 12.55 -20.44
CA THR A 82 -15.45 11.43 -20.94
C THR A 82 -15.81 10.58 -19.73
N HIS A 83 -17.07 10.20 -19.59
CA HIS A 83 -17.54 9.58 -18.35
C HIS A 83 -17.96 8.14 -18.56
N TRP A 84 -17.77 7.33 -17.54
CA TRP A 84 -17.95 5.90 -17.63
C TRP A 84 -18.60 5.41 -16.36
N ASN A 85 -19.59 4.54 -16.49
CA ASN A 85 -20.15 3.88 -15.34
C ASN A 85 -19.46 2.54 -15.09
N MET A 86 -19.16 2.24 -13.83
CA MET A 86 -18.72 0.91 -13.50
C MET A 86 -19.49 0.32 -12.32
N THR A 87 -19.82 -0.96 -12.42
CA THR A 87 -20.30 -1.66 -11.25
C THR A 87 -19.11 -1.88 -10.34
N VAL A 88 -19.36 -1.96 -9.04
CA VAL A 88 -18.32 -2.29 -8.09
C VAL A 88 -18.70 -3.52 -7.28
N THR A 89 -17.71 -4.38 -7.04
CA THR A 89 -17.83 -5.52 -6.17
C THR A 89 -17.10 -5.24 -4.85
N ASN A 90 -17.09 -6.21 -3.95
CA ASN A 90 -16.11 -6.16 -2.86
C ASN A 90 -14.73 -6.22 -3.47
N LEU A 91 -13.74 -5.74 -2.72
CA LEU A 91 -12.36 -5.76 -3.22
C LEU A 91 -11.86 -7.16 -3.49
N ASN A 92 -12.39 -8.16 -2.80
CA ASN A 92 -11.99 -9.55 -3.04
C ASN A 92 -12.72 -10.19 -4.23
N GLY A 93 -13.53 -9.41 -4.92
CA GLY A 93 -14.18 -9.88 -6.16
C GLY A 93 -15.56 -10.47 -5.98
N THR A 94 -15.97 -10.72 -4.74
CA THR A 94 -17.30 -11.23 -4.48
C THR A 94 -18.32 -10.11 -4.64
N PRO A 95 -19.58 -10.46 -4.97
CA PRO A 95 -20.59 -9.42 -5.13
C PRO A 95 -20.80 -8.66 -3.83
N PHE A 96 -20.93 -7.34 -3.93
CA PHE A 96 -21.24 -6.54 -2.77
C PHE A 96 -22.71 -6.73 -2.42
N ASP A 97 -22.96 -7.12 -1.18
CA ASP A 97 -24.32 -7.34 -0.69
C ASP A 97 -24.74 -6.11 0.10
N PRO A 98 -25.68 -5.33 -0.46
CA PRO A 98 -26.06 -4.06 0.17
C PRO A 98 -26.82 -4.24 1.49
N THR A 99 -27.17 -5.48 1.82
CA THR A 99 -27.84 -5.76 3.09
C THR A 99 -26.87 -5.97 4.25
N GLU A 100 -25.58 -6.08 3.96
CA GLU A 100 -24.60 -6.13 5.01
C GLU A 100 -24.58 -4.79 5.74
N ASP A 101 -24.28 -4.84 7.03
CA ASP A 101 -24.29 -3.66 7.87
C ASP A 101 -22.98 -2.88 7.78
N VAL A 102 -22.71 -2.35 6.59
CA VAL A 102 -21.57 -1.46 6.35
C VAL A 102 -22.10 -0.28 5.52
N PRO A 103 -21.37 0.84 5.53
CA PRO A 103 -21.90 1.99 4.78
C PRO A 103 -21.78 1.85 3.27
N ALA A 104 -20.86 0.99 2.82
CA ALA A 104 -20.44 0.92 1.42
C ALA A 104 -19.42 -0.20 1.39
N PRO A 105 -19.00 -0.63 0.19
CA PRO A 105 -17.97 -1.67 0.13
C PRO A 105 -16.72 -1.22 0.91
N LEU A 106 -16.09 -2.14 1.61
CA LEU A 106 -14.92 -1.72 2.38
C LEU A 106 -13.87 -1.14 1.45
N GLY A 107 -13.21 -0.10 1.93
CA GLY A 107 -12.20 0.63 1.17
C GLY A 107 -12.73 1.84 0.41
N THR A 108 -14.05 1.94 0.24
CA THR A 108 -14.66 3.10 -0.44
C THR A 108 -14.12 4.40 0.18
N PRO A 109 -13.77 5.40 -0.65
CA PRO A 109 -13.37 6.71 -0.10
C PRO A 109 -14.36 7.28 0.92
N ASP A 110 -13.83 7.97 1.95
CA ASP A 110 -14.68 8.50 3.00
C ASP A 110 -14.72 10.01 3.03
N PHE A 111 -14.44 10.68 1.92
CA PHE A 111 -14.46 12.15 1.89
C PHE A 111 -14.93 12.65 0.54
N SER A 112 -15.40 13.89 0.54
CA SER A 112 -15.83 14.61 -0.64
C SER A 112 -14.61 15.16 -1.37
N GLY A 113 -14.53 14.89 -2.67
CA GLY A 113 -13.50 15.47 -3.51
C GLY A 113 -13.39 14.76 -4.85
N GLN A 114 -12.44 15.23 -5.65
CA GLN A 114 -12.17 14.64 -6.96
C GLN A 114 -10.93 13.77 -6.78
N ILE A 115 -11.14 12.47 -6.63
CA ILE A 115 -10.02 11.55 -6.43
C ILE A 115 -9.45 11.13 -7.78
N TYR A 116 -8.16 11.40 -7.93
CA TYR A 116 -7.40 11.16 -9.15
C TYR A 116 -6.65 9.84 -9.01
N GLY A 117 -6.68 9.06 -10.07
CA GLY A 117 -5.95 7.81 -10.06
C GLY A 117 -5.89 7.21 -11.43
N VAL A 118 -5.72 5.89 -11.47
CA VAL A 118 -5.62 5.19 -12.76
C VAL A 118 -6.66 4.07 -12.79
N ILE A 119 -7.44 4.03 -13.87
CA ILE A 119 -8.32 2.90 -14.14
C ILE A 119 -7.55 1.94 -15.06
N SER A 120 -7.48 0.66 -14.68
CA SER A 120 -6.85 -0.35 -15.56
C SER A 120 -7.82 -1.50 -15.80
N GLN A 121 -7.66 -2.15 -16.95
CA GLN A 121 -8.51 -3.28 -17.31
C GLN A 121 -7.67 -4.41 -17.85
N ARG A 122 -8.07 -5.63 -17.48
CA ARG A 122 -7.53 -6.85 -18.07
C ARG A 122 -8.71 -7.68 -18.54
N ASN A 123 -8.80 -7.88 -19.83
CA ASN A 123 -9.98 -8.54 -20.40
C ASN A 123 -10.17 -9.96 -19.91
N THR A 124 -11.44 -10.39 -19.84
CA THR A 124 -11.75 -11.76 -19.45
C THR A 124 -11.43 -12.73 -20.55
N ASN A 125 -11.74 -12.31 -21.77
CA ASN A 125 -11.60 -13.14 -22.96
C ASN A 125 -10.16 -13.12 -23.43
N THR A 126 -9.68 -14.26 -23.93
CA THR A 126 -8.29 -14.37 -24.31
C THR A 126 -8.19 -14.73 -25.78
N VAL A 127 -7.00 -14.52 -26.35
CA VAL A 127 -6.76 -14.84 -27.75
C VAL A 127 -5.72 -15.96 -27.86
N PRO A 128 -6.09 -17.06 -28.54
CA PRO A 128 -5.18 -18.19 -28.72
C PRO A 128 -3.87 -17.77 -29.42
N GLY A 129 -3.96 -16.81 -30.34
CA GLY A 129 -2.80 -16.33 -31.07
C GLY A 129 -1.84 -15.52 -30.22
N GLU A 130 -2.33 -15.04 -29.08
CA GLU A 130 -1.51 -14.29 -28.13
C GLU A 130 -1.07 -15.19 -26.96
N GLY A 131 -1.04 -16.50 -27.22
CA GLY A 131 -0.72 -17.48 -26.21
C GLY A 131 -1.84 -17.59 -25.19
N ASN A 132 -3.06 -17.36 -25.66
CA ASN A 132 -4.23 -17.29 -24.79
C ASN A 132 -4.11 -16.18 -23.74
N LEU A 133 -3.64 -15.00 -24.17
CA LEU A 133 -3.45 -13.86 -23.27
C LEU A 133 -4.38 -12.68 -23.56
N PRO A 134 -4.90 -12.08 -22.49
CA PRO A 134 -5.91 -11.03 -22.65
C PRO A 134 -5.33 -9.66 -23.03
N ALA A 135 -6.15 -8.83 -23.66
CA ALA A 135 -5.82 -7.43 -23.93
C ALA A 135 -6.02 -6.55 -22.68
N ASN A 136 -5.26 -5.47 -22.61
CA ASN A 136 -5.21 -4.60 -21.45
C ASN A 136 -5.23 -3.14 -21.86
N ARG A 137 -5.66 -2.27 -20.95
CA ARG A 137 -5.48 -0.84 -21.11
C ARG A 137 -5.54 -0.18 -19.73
N ALA A 138 -4.90 0.98 -19.60
CA ALA A 138 -5.06 1.79 -18.40
C ALA A 138 -5.04 3.26 -18.79
N HIS A 139 -5.75 4.08 -18.02
CA HIS A 139 -5.83 5.53 -18.24
C HIS A 139 -6.02 6.28 -16.96
N GLU A 140 -5.54 7.53 -16.91
CA GLU A 140 -5.84 8.36 -15.76
C GLU A 140 -7.35 8.60 -15.66
N ALA A 141 -7.83 8.74 -14.43
CA ALA A 141 -9.25 8.85 -14.17
C ALA A 141 -9.50 9.65 -12.92
N VAL A 142 -10.71 10.21 -12.84
CA VAL A 142 -11.13 10.99 -11.69
C VAL A 142 -12.50 10.47 -11.23
N ILE A 143 -12.64 10.24 -9.93
CA ILE A 143 -13.92 9.88 -9.29
C ILE A 143 -14.32 11.04 -8.39
N ALA A 144 -15.42 11.71 -8.76
CA ALA A 144 -15.96 12.77 -7.95
C ALA A 144 -16.91 12.16 -6.91
N THR A 145 -16.49 12.11 -5.66
CA THR A 145 -17.25 11.36 -4.67
C THR A 145 -18.50 12.12 -4.23
N TYR A 146 -18.62 13.40 -4.62
CA TYR A 146 -19.79 14.21 -4.27
C TYR A 146 -20.83 14.14 -5.39
N SER A 147 -20.50 13.46 -6.49
CA SER A 147 -21.41 13.38 -7.64
C SER A 147 -22.65 12.57 -7.26
N PRO A 148 -23.82 12.93 -7.81
CA PRO A 148 -24.99 12.07 -7.63
C PRO A 148 -24.80 10.67 -8.22
N LYS A 149 -23.82 10.50 -9.10
CA LYS A 149 -23.56 9.19 -9.69
C LYS A 149 -22.57 8.37 -8.85
N PHE A 150 -22.12 8.91 -7.74
CA PHE A 150 -21.27 8.14 -6.82
C PHE A 150 -22.17 7.36 -5.86
N THR A 151 -22.47 6.12 -6.21
CA THR A 151 -23.42 5.32 -5.44
C THR A 151 -22.84 3.94 -5.10
N PRO A 152 -21.68 3.92 -4.44
CA PRO A 152 -21.06 2.62 -4.16
C PRO A 152 -21.91 1.68 -3.30
N LYS A 153 -22.74 2.19 -2.39
CA LYS A 153 -23.61 1.32 -1.62
C LYS A 153 -24.65 0.62 -2.51
N LEU A 154 -24.95 1.21 -3.67
CA LEU A 154 -25.84 0.60 -4.67
C LEU A 154 -25.06 -0.21 -5.69
N GLY A 155 -23.75 -0.31 -5.51
CA GLY A 155 -22.94 -1.13 -6.38
C GLY A 155 -22.54 -0.50 -7.70
N ASN A 156 -22.56 0.82 -7.80
CA ASN A 156 -22.17 1.50 -9.06
C ASN A 156 -21.56 2.84 -8.77
N ILE A 157 -20.50 3.16 -9.51
CA ILE A 157 -19.92 4.52 -9.45
C ILE A 157 -19.57 4.98 -10.86
N GLN A 158 -19.28 6.26 -11.03
CA GLN A 158 -18.85 6.79 -12.31
C GLN A 158 -17.45 7.38 -12.18
N PHE A 159 -16.66 7.28 -13.23
CA PHE A 159 -15.37 7.96 -13.28
C PHE A 159 -15.26 8.70 -14.60
N SER A 160 -14.41 9.71 -14.64
CA SER A 160 -14.17 10.40 -15.90
C SER A 160 -12.72 10.24 -16.31
N THR A 161 -12.48 10.30 -17.63
CA THR A 161 -11.13 10.19 -18.19
C THR A 161 -10.85 11.34 -19.13
N TRP A 162 -9.57 11.60 -19.33
CA TRP A 162 -9.12 12.45 -20.43
C TRP A 162 -9.17 11.65 -21.73
N GLU A 163 -8.76 10.38 -21.69
CA GLU A 163 -8.93 9.47 -22.80
C GLU A 163 -10.38 9.49 -23.28
N THR A 164 -10.59 9.58 -24.59
CA THR A 164 -11.94 9.73 -25.10
C THR A 164 -12.65 8.44 -25.50
N GLN A 165 -11.94 7.33 -25.70
CA GLN A 165 -12.63 6.14 -26.18
C GLN A 165 -12.08 4.78 -25.71
N ASP A 166 -10.82 4.73 -25.29
CA ASP A 166 -10.14 3.45 -25.05
C ASP A 166 -10.40 2.88 -23.65
N VAL A 167 -11.67 2.74 -23.31
CA VAL A 167 -12.12 2.07 -22.10
C VAL A 167 -13.17 1.04 -22.55
N SER A 168 -13.00 -0.22 -22.16
CA SER A 168 -13.85 -1.27 -22.72
C SER A 168 -15.04 -1.65 -21.84
N SER A 169 -16.21 -1.81 -22.48
CA SER A 169 -17.40 -2.24 -21.77
C SER A 169 -17.29 -3.70 -21.36
N GLY A 170 -17.81 -4.01 -20.17
CA GLY A 170 -17.94 -5.38 -19.71
C GLY A 170 -16.67 -6.06 -19.25
N GLN A 171 -15.59 -5.30 -19.07
CA GLN A 171 -14.31 -5.91 -18.73
C GLN A 171 -13.88 -5.57 -17.30
N PRO A 172 -13.17 -6.50 -16.64
CA PRO A 172 -12.71 -6.28 -15.26
C PRO A 172 -11.87 -5.02 -15.16
N THR A 173 -12.19 -4.23 -14.15
CA THR A 173 -11.67 -2.88 -14.02
C THR A 173 -11.22 -2.63 -12.58
N LYS A 174 -10.05 -2.02 -12.45
CA LYS A 174 -9.45 -1.68 -11.15
C LYS A 174 -9.20 -0.19 -11.10
N PHE A 175 -9.51 0.43 -9.96
CA PHE A 175 -9.10 1.83 -9.74
C PHE A 175 -7.97 1.89 -8.71
N THR A 176 -6.81 2.41 -9.12
CA THR A 176 -5.67 2.61 -8.23
C THR A 176 -5.64 4.13 -7.90
N PRO A 177 -5.89 4.50 -6.64
CA PRO A 177 -5.84 5.92 -6.29
C PRO A 177 -4.42 6.49 -6.27
N VAL A 178 -4.30 7.76 -6.63
CA VAL A 178 -2.99 8.42 -6.64
C VAL A 178 -3.04 9.73 -5.86
N GLY A 179 -4.10 10.52 -6.01
CA GLY A 179 -4.17 11.81 -5.32
C GLY A 179 -5.50 12.45 -5.54
N LEU A 180 -5.47 13.78 -5.65
CA LEU A 180 -6.67 14.57 -5.95
C LEU A 180 -6.52 15.22 -7.31
N ALA A 181 -7.62 15.45 -8.02
CA ALA A 181 -7.52 16.12 -9.31
C ALA A 181 -7.31 17.62 -9.17
N SER A 182 -7.92 18.21 -8.13
CA SER A 182 -7.92 19.65 -7.90
C SER A 182 -8.39 19.89 -6.48
N VAL A 183 -8.06 21.05 -5.92
CA VAL A 183 -8.70 21.50 -4.68
C VAL A 183 -9.29 22.91 -4.84
N ASP A 184 -9.58 23.28 -6.08
CA ASP A 184 -10.32 24.53 -6.32
C ASP A 184 -11.70 24.48 -5.66
N ALA A 185 -12.30 25.64 -5.43
CA ALA A 185 -13.62 25.65 -4.78
C ALA A 185 -14.59 24.73 -5.53
N ASN A 186 -14.54 24.79 -6.85
CA ASN A 186 -15.40 23.99 -7.69
C ASN A 186 -15.19 22.48 -7.62
N SER A 187 -14.16 22.03 -6.90
CA SER A 187 -13.89 20.58 -6.83
C SER A 187 -14.31 19.95 -5.50
N HIS A 188 -14.90 20.76 -4.61
CA HIS A 188 -15.57 20.27 -3.42
C HIS A 188 -14.74 19.32 -2.58
N PHE A 189 -13.48 19.68 -2.34
CA PHE A 189 -12.65 18.89 -1.45
C PHE A 189 -12.97 19.29 -0.02
N ASP A 190 -13.46 18.33 0.75
CA ASP A 190 -13.65 18.53 2.18
C ASP A 190 -13.43 17.19 2.84
N GLN A 191 -12.30 17.07 3.52
CA GLN A 191 -11.94 15.76 4.07
C GLN A 191 -12.90 15.24 5.15
N TRP A 192 -13.70 16.12 5.76
CA TRP A 192 -14.62 15.70 6.82
C TRP A 192 -16.07 15.58 6.35
N THR A 193 -16.32 15.86 5.07
CA THR A 193 -17.65 15.67 4.52
C THR A 193 -17.74 14.28 3.94
N LEU A 194 -18.65 13.46 4.46
CA LEU A 194 -18.81 12.12 3.90
C LEU A 194 -19.50 12.15 2.54
N PRO A 195 -19.12 11.23 1.64
CA PRO A 195 -19.95 11.02 0.45
C PRO A 195 -21.34 10.54 0.87
N SER A 196 -22.33 10.75 -0.01
CA SER A 196 -23.62 10.10 0.13
C SER A 196 -23.54 8.74 -0.56
N TYR A 197 -23.33 7.68 0.22
CA TYR A 197 -22.97 6.39 -0.39
C TYR A 197 -24.01 5.79 -1.29
N SER A 198 -25.29 6.13 -1.09
CA SER A 198 -26.37 5.65 -1.94
C SER A 198 -26.94 6.74 -2.86
N GLY A 199 -26.24 7.86 -2.95
CA GLY A 199 -26.60 8.88 -3.89
C GLY A 199 -27.27 10.09 -3.31
N ALA A 200 -27.64 11.00 -4.19
CA ALA A 200 -28.23 12.26 -3.80
C ALA A 200 -29.51 12.04 -3.01
N LEU A 201 -29.58 12.76 -1.91
CA LEU A 201 -30.77 12.85 -1.09
C LEU A 201 -30.99 11.64 -0.21
N THR A 202 -30.01 10.75 -0.08
CA THR A 202 -30.18 9.56 0.78
C THR A 202 -29.34 9.64 2.05
N LEU A 203 -29.77 8.93 3.08
CA LEU A 203 -29.11 8.93 4.38
C LEU A 203 -28.09 7.81 4.44
N ASN A 204 -26.85 8.13 4.81
CA ASN A 204 -25.84 7.09 5.07
C ASN A 204 -26.22 6.26 6.29
N MET A 205 -25.76 5.02 6.31
CA MET A 205 -26.05 4.11 7.43
C MET A 205 -24.83 3.31 7.84
N ASN A 206 -24.91 2.69 9.01
CA ASN A 206 -23.87 1.80 9.51
C ASN A 206 -22.52 2.52 9.74
N LEU A 207 -22.57 3.80 10.03
CA LEU A 207 -21.35 4.59 10.15
C LEU A 207 -20.61 4.33 11.45
N ALA A 208 -19.28 4.36 11.39
CA ALA A 208 -18.47 4.46 12.60
C ALA A 208 -18.81 5.80 13.24
N PRO A 209 -18.80 5.86 14.58
CA PRO A 209 -19.28 7.07 15.24
C PRO A 209 -18.33 8.26 15.12
N SER A 210 -18.86 9.46 15.35
CA SER A 210 -18.01 10.63 15.36
C SER A 210 -17.08 10.58 16.57
N VAL A 211 -15.98 11.34 16.50
CA VAL A 211 -15.00 11.39 17.57
C VAL A 211 -14.74 12.84 18.00
N ALA A 212 -14.46 13.02 19.29
CA ALA A 212 -14.23 14.34 19.85
C ALA A 212 -13.54 14.23 21.19
N PRO A 213 -12.81 15.29 21.59
CA PRO A 213 -12.32 15.35 22.97
C PRO A 213 -13.49 15.61 23.90
N VAL A 214 -13.41 15.13 25.13
CA VAL A 214 -14.47 15.40 26.10
C VAL A 214 -13.96 16.22 27.27
N PHE A 215 -12.65 16.14 27.52
CA PHE A 215 -12.01 16.81 28.64
C PHE A 215 -11.51 18.20 28.23
N PRO A 216 -11.80 19.22 29.04
CA PRO A 216 -11.40 20.60 28.72
C PRO A 216 -9.91 20.72 28.44
N GLY A 217 -9.56 21.53 27.44
CA GLY A 217 -8.16 21.72 27.08
C GLY A 217 -7.59 20.70 26.12
N GLU A 218 -8.34 19.65 25.83
CA GLU A 218 -7.87 18.60 24.92
C GLU A 218 -8.38 18.81 23.49
N CYS A 219 -7.61 18.34 22.52
CA CYS A 219 -8.04 18.35 21.13
C CYS A 219 -7.65 17.03 20.48
N LEU A 220 -8.26 16.71 19.34
CA LEU A 220 -7.85 15.56 18.57
C LEU A 220 -6.41 15.68 18.06
N LEU A 221 -5.70 14.56 18.03
CA LEU A 221 -4.37 14.51 17.41
C LEU A 221 -4.48 13.59 16.19
N PHE A 222 -4.01 14.07 15.05
CA PHE A 222 -4.12 13.35 13.78
C PHE A 222 -2.77 12.93 13.23
N PHE A 223 -2.79 11.88 12.42
CA PHE A 223 -1.64 11.47 11.63
C PHE A 223 -1.88 12.04 10.24
N ARG A 224 -1.09 13.03 9.83
CA ARG A 224 -1.37 13.80 8.61
C ARG A 224 -0.46 13.39 7.45
N SER A 225 -1.04 13.26 6.27
CA SER A 225 -0.29 13.06 5.04
C SER A 225 -0.63 14.09 4.01
N PHE A 226 0.35 14.54 3.24
CA PHE A 226 0.05 15.43 2.14
C PHE A 226 -0.26 14.65 0.89
N ILE A 227 -1.30 15.06 0.20
CA ILE A 227 -1.84 14.26 -0.92
C ILE A 227 -1.48 14.89 -2.27
N PRO A 228 -1.01 14.12 -3.25
CA PRO A 228 -0.61 14.70 -4.54
C PRO A 228 -1.78 15.35 -5.27
N LEU A 229 -1.48 16.30 -6.16
CA LEU A 229 -2.48 16.94 -7.01
C LEU A 229 -2.13 16.77 -8.48
N LYS A 230 -3.13 16.52 -9.30
CA LYS A 230 -2.95 16.44 -10.75
C LYS A 230 -2.64 17.82 -11.34
N GLY A 231 -3.18 18.88 -10.73
CA GLY A 231 -2.95 20.23 -11.23
C GLY A 231 -3.46 21.25 -10.23
N GLY A 232 -3.19 22.50 -10.54
CA GLY A 232 -3.70 23.62 -9.76
C GLY A 232 -2.83 23.93 -8.56
N TYR A 233 -3.29 24.86 -7.74
CA TYR A 233 -2.55 25.30 -6.58
C TYR A 233 -3.09 24.62 -5.35
N GLY A 234 -2.21 24.38 -4.38
CA GLY A 234 -2.66 23.78 -3.15
C GLY A 234 -1.61 22.92 -2.50
N ASN A 235 -1.79 22.71 -1.20
CA ASN A 235 -1.01 21.74 -0.45
C ASN A 235 -1.95 20.91 0.41
N PRO A 236 -2.88 20.20 -0.24
CA PRO A 236 -3.86 19.44 0.55
C PRO A 236 -3.30 18.29 1.36
N ALA A 237 -4.02 18.00 2.44
CA ALA A 237 -3.67 16.94 3.38
C ALA A 237 -4.88 16.09 3.72
N ILE A 238 -4.59 14.87 4.14
CA ILE A 238 -5.60 13.96 4.67
C ILE A 238 -5.13 13.53 6.06
N ASP A 239 -6.01 13.71 7.04
CA ASP A 239 -5.70 13.42 8.44
C ASP A 239 -6.38 12.15 8.86
N CYS A 240 -5.64 11.16 9.36
CA CYS A 240 -6.33 9.98 9.89
C CYS A 240 -6.21 9.87 11.41
N LEU A 241 -7.09 9.08 12.01
CA LEU A 241 -7.14 8.98 13.49
C LEU A 241 -6.07 8.02 14.00
N MET A 242 -5.76 6.99 13.21
CA MET A 242 -4.70 6.05 13.56
C MET A 242 -4.14 5.57 12.23
N PRO A 243 -2.84 5.34 12.16
CA PRO A 243 -2.27 4.83 10.91
C PRO A 243 -2.72 3.39 10.59
N GLN A 244 -2.57 3.00 9.34
CA GLN A 244 -3.02 1.68 8.91
C GLN A 244 -2.32 0.55 9.68
N GLU A 245 -1.05 0.76 10.06
CA GLU A 245 -0.38 -0.29 10.82
C GLU A 245 -0.97 -0.49 12.21
N TRP A 246 -1.51 0.57 12.80
CA TRP A 246 -2.22 0.40 14.07
C TRP A 246 -3.50 -0.38 13.89
N VAL A 247 -4.26 -0.09 12.83
CA VAL A 247 -5.46 -0.86 12.52
C VAL A 247 -5.09 -2.34 12.40
N GLN A 248 -4.02 -2.63 11.68
CA GLN A 248 -3.58 -3.98 11.43
C GLN A 248 -3.17 -4.66 12.73
N HIS A 249 -2.45 -3.91 13.57
CA HIS A 249 -1.95 -4.44 14.84
C HIS A 249 -3.11 -4.76 15.80
N LEU A 250 -4.02 -3.79 15.98
CA LEU A 250 -5.14 -3.96 16.90
C LEU A 250 -6.01 -5.13 16.45
N TYR A 251 -6.26 -5.22 15.15
CA TYR A 251 -7.03 -6.31 14.61
C TYR A 251 -6.39 -7.65 14.97
N GLN A 252 -5.06 -7.74 14.82
CA GLN A 252 -4.30 -8.96 15.11
C GLN A 252 -4.43 -9.33 16.59
N GLU A 253 -4.11 -8.36 17.43
CA GLU A 253 -4.02 -8.60 18.87
C GLU A 253 -5.36 -8.83 19.53
N SER A 254 -6.35 -8.02 19.19
CA SER A 254 -7.65 -8.04 19.84
C SER A 254 -7.54 -8.15 21.38
N ALA A 255 -6.69 -7.33 21.97
CA ALA A 255 -6.52 -7.33 23.42
C ALA A 255 -7.71 -6.64 24.08
N PRO A 256 -8.22 -7.21 25.18
CA PRO A 256 -9.32 -6.56 25.87
C PRO A 256 -8.95 -5.16 26.37
N SER A 257 -9.88 -4.23 26.22
CA SER A 257 -9.66 -2.87 26.71
C SER A 257 -10.04 -2.81 28.17
N LEU A 258 -9.08 -2.44 29.02
CA LEU A 258 -9.27 -2.54 30.45
C LEU A 258 -9.89 -1.26 31.02
N SER A 259 -9.90 -0.21 30.22
CA SER A 259 -10.67 0.99 30.55
C SER A 259 -11.05 1.70 29.26
N ASP A 260 -11.62 2.89 29.37
CA ASP A 260 -12.05 3.61 28.18
C ASP A 260 -10.93 4.44 27.57
N VAL A 261 -9.81 4.56 28.29
CA VAL A 261 -8.71 5.41 27.86
C VAL A 261 -7.35 4.82 28.20
N ALA A 262 -6.50 4.69 27.20
CA ALA A 262 -5.13 4.25 27.41
C ALA A 262 -4.23 5.46 27.41
N LEU A 263 -3.29 5.52 28.34
CA LEU A 263 -2.27 6.56 28.32
C LEU A 263 -1.08 6.12 27.47
N VAL A 264 -0.69 6.96 26.52
CA VAL A 264 0.45 6.68 25.67
C VAL A 264 1.45 7.82 25.70
N ARG A 265 2.73 7.49 25.57
CA ARG A 265 3.78 8.48 25.59
C ARG A 265 4.50 8.47 24.24
N TYR A 266 4.71 9.65 23.68
CA TYR A 266 5.51 9.79 22.46
C TYR A 266 6.96 9.93 22.88
N VAL A 267 7.77 8.97 22.47
CA VAL A 267 9.14 8.88 22.98
C VAL A 267 10.18 9.00 21.88
N ASN A 268 11.32 9.60 22.21
CA ASN A 268 12.46 9.64 21.31
C ASN A 268 13.39 8.48 21.63
N PRO A 269 13.65 7.60 20.65
CA PRO A 269 14.54 6.46 20.86
C PRO A 269 15.97 6.85 21.23
N GLU A 270 16.55 7.81 20.51
CA GLU A 270 17.93 8.22 20.78
C GLU A 270 18.11 8.82 22.16
N THR A 271 17.20 9.70 22.56
CA THR A 271 17.27 10.36 23.85
C THR A 271 16.68 9.49 24.96
N GLY A 272 15.59 8.79 24.64
CA GLY A 272 14.91 7.96 25.60
C GLY A 272 13.81 8.71 26.33
N ARG A 273 13.73 10.01 26.10
CA ARG A 273 12.79 10.85 26.84
C ARG A 273 11.41 10.95 26.19
N THR A 274 10.44 11.35 27.00
CA THR A 274 9.07 11.55 26.55
C THR A 274 8.92 12.98 26.03
N LEU A 275 8.45 13.11 24.79
CA LEU A 275 8.25 14.42 24.20
C LEU A 275 6.88 14.98 24.58
N PHE A 276 5.90 14.10 24.69
CA PHE A 276 4.56 14.48 25.16
C PHE A 276 3.75 13.22 25.42
N GLU A 277 2.63 13.37 26.12
CA GLU A 277 1.73 12.24 26.35
C GLU A 277 0.37 12.51 25.70
N ALA A 278 -0.40 11.44 25.50
CA ALA A 278 -1.68 11.54 24.84
C ALA A 278 -2.62 10.49 25.42
N LYS A 279 -3.93 10.73 25.27
CA LYS A 279 -4.93 9.72 25.53
C LYS A 279 -5.25 8.97 24.24
N LEU A 280 -5.21 7.65 24.31
CA LEU A 280 -5.71 6.84 23.21
C LEU A 280 -7.02 6.24 23.66
N HIS A 281 -8.09 6.67 23.01
CA HIS A 281 -9.45 6.30 23.41
C HIS A 281 -9.90 4.97 22.84
N ARG A 282 -10.78 4.31 23.60
CA ARG A 282 -11.33 2.99 23.26
C ARG A 282 -11.81 2.86 21.81
N ASN A 283 -12.48 3.89 21.30
CA ASN A 283 -13.02 3.82 19.95
C ASN A 283 -11.96 4.01 18.84
N GLY A 284 -10.72 4.29 19.22
CA GLY A 284 -9.61 4.36 18.28
C GLY A 284 -9.25 5.74 17.79
N PHE A 285 -8.91 6.63 18.73
CA PHE A 285 -8.43 7.96 18.35
C PHE A 285 -7.65 8.57 19.51
N LEU A 286 -6.89 9.61 19.20
CA LEU A 286 -6.02 10.23 20.20
C LEU A 286 -6.47 11.64 20.54
N THR A 287 -6.30 12.04 21.81
CA THR A 287 -6.38 13.45 22.18
C THR A 287 -5.13 13.86 22.94
N VAL A 288 -4.80 15.14 22.84
CA VAL A 288 -3.68 15.73 23.57
C VAL A 288 -4.11 17.04 24.22
N ALA A 289 -3.34 17.48 25.21
CA ALA A 289 -3.58 18.80 25.81
C ALA A 289 -2.77 19.82 25.04
N ARG A 290 -3.38 20.46 24.04
CA ARG A 290 -2.69 21.44 23.20
C ARG A 290 -3.70 22.50 22.78
N ASN A 291 -3.22 23.74 22.68
CA ASN A 291 -4.08 24.88 22.41
C ASN A 291 -3.76 25.58 21.08
N SER A 292 -3.11 24.87 20.18
CA SER A 292 -2.73 25.45 18.90
C SER A 292 -3.03 24.49 17.77
N ALA A 293 -3.11 25.03 16.56
CA ALA A 293 -3.26 24.26 15.34
C ALA A 293 -1.95 24.19 14.63
N GLY A 294 -1.76 23.12 13.89
CA GLY A 294 -0.59 22.98 13.03
C GLY A 294 0.18 21.71 13.35
N PRO A 295 1.33 21.53 12.70
CA PRO A 295 2.11 20.32 12.89
C PRO A 295 2.69 20.25 14.29
N VAL A 296 2.96 19.01 14.73
CA VAL A 296 3.74 18.76 15.92
C VAL A 296 5.17 18.59 15.43
N VAL A 297 6.05 19.50 15.85
CA VAL A 297 7.40 19.51 15.32
C VAL A 297 8.28 18.64 16.21
N ALA A 298 8.56 17.43 15.75
CA ALA A 298 9.32 16.47 16.51
C ALA A 298 9.95 15.51 15.51
N PRO A 299 10.99 14.81 15.94
CA PRO A 299 11.69 13.85 15.07
C PRO A 299 10.74 12.78 14.53
N THR A 300 10.97 12.33 13.30
CA THR A 300 10.12 11.28 12.72
C THR A 300 10.53 9.88 13.17
N ASN A 301 11.63 9.79 13.93
CA ASN A 301 11.98 8.55 14.60
C ASN A 301 11.26 8.40 15.95
N GLY A 302 10.38 9.33 16.28
CA GLY A 302 9.61 9.23 17.51
C GLY A 302 8.55 8.15 17.40
N TYR A 303 8.10 7.60 18.54
CA TYR A 303 7.02 6.62 18.51
C TYR A 303 6.14 6.61 19.77
N PHE A 304 4.90 6.18 19.63
CA PHE A 304 3.99 6.02 20.77
C PHE A 304 4.21 4.69 21.51
N ARG A 305 4.35 4.80 22.82
CA ARG A 305 4.52 3.66 23.70
C ARG A 305 3.33 3.63 24.65
N PHE A 306 2.69 2.47 24.76
CA PHE A 306 1.60 2.29 25.72
C PHE A 306 2.15 2.27 27.14
N ASP A 307 1.60 3.13 27.99
CA ASP A 307 2.07 3.24 29.36
C ASP A 307 1.18 2.51 30.34
N SER A 308 -0.11 2.84 30.35
CA SER A 308 -1.06 2.24 31.28
C SER A 308 -2.49 2.58 30.90
N TRP A 309 -3.44 1.82 31.44
CA TRP A 309 -4.84 2.16 31.31
C TRP A 309 -5.17 3.20 32.35
N VAL A 310 -5.78 4.29 31.92
CA VAL A 310 -6.20 5.33 32.84
C VAL A 310 -7.70 5.52 32.72
N ASN A 311 -8.18 6.73 32.97
CA ASN A 311 -9.60 7.01 32.79
C ASN A 311 -9.81 8.43 32.27
N GLN A 312 -11.06 8.79 32.05
CA GLN A 312 -11.42 10.07 31.44
C GLN A 312 -11.00 11.25 32.33
N PHE A 313 -10.78 10.99 33.61
CA PHE A 313 -10.43 12.06 34.53
C PHE A 313 -8.93 12.28 34.67
N TYR A 314 -8.15 11.54 33.90
CA TYR A 314 -6.70 11.74 33.87
C TYR A 314 -6.39 13.07 33.19
N THR A 315 -5.58 13.90 33.83
CA THR A 315 -5.20 15.18 33.25
C THR A 315 -3.85 15.08 32.54
N LEU A 316 -3.85 15.30 31.24
CA LEU A 316 -2.63 15.25 30.44
C LEU A 316 -1.68 16.41 30.71
N ALA A 317 -0.38 16.13 30.70
CA ALA A 317 0.61 17.19 30.72
C ALA A 317 0.49 17.98 29.43
N PRO A 318 0.46 19.32 29.51
CA PRO A 318 0.33 20.14 28.30
C PRO A 318 1.48 19.90 27.34
N MET A 319 1.22 19.92 26.04
CA MET A 319 2.31 19.84 25.07
C MET A 319 3.11 21.14 25.04
N SER B 5 13.76 -16.64 25.55
CA SER B 5 13.71 -16.64 24.09
C SER B 5 12.29 -16.40 23.56
N LYS B 6 12.05 -15.19 23.04
CA LYS B 6 10.74 -14.83 22.50
C LYS B 6 10.31 -15.78 21.40
N PRO B 7 9.14 -16.41 21.56
CA PRO B 7 8.63 -17.41 20.61
C PRO B 7 8.41 -16.80 19.23
N PHE B 8 8.77 -17.56 18.20
CA PHE B 8 8.57 -17.12 16.82
C PHE B 8 7.10 -17.21 16.44
N THR B 9 6.62 -16.21 15.70
CA THR B 9 5.23 -16.23 15.24
C THR B 9 5.09 -15.55 13.88
N LEU B 10 4.01 -15.91 13.18
CA LEU B 10 3.58 -15.25 11.96
C LEU B 10 2.28 -14.53 12.27
N PRO B 11 1.97 -13.45 11.53
CA PRO B 11 0.65 -12.82 11.73
C PRO B 11 -0.47 -13.78 11.36
N ILE B 12 -1.68 -13.52 11.85
CA ILE B 12 -2.85 -14.30 11.42
C ILE B 12 -3.64 -13.57 10.33
N LEU B 13 -3.28 -13.86 9.08
CA LEU B 13 -3.84 -13.14 7.95
C LEU B 13 -4.12 -14.08 6.82
N THR B 14 -5.32 -14.01 6.30
CA THR B 14 -5.66 -14.81 5.16
C THR B 14 -4.97 -14.20 3.94
N LEU B 15 -4.99 -14.94 2.85
CA LEU B 15 -4.41 -14.47 1.60
C LEU B 15 -5.07 -13.18 1.22
N GLY B 16 -6.36 -13.05 1.51
CA GLY B 16 -7.12 -11.88 1.14
C GLY B 16 -6.87 -10.71 2.07
N GLU B 17 -5.98 -10.90 3.05
CA GLU B 17 -5.60 -9.82 3.98
C GLU B 17 -4.10 -9.50 3.87
N LEU B 18 -3.45 -9.98 2.82
CA LEU B 18 -2.00 -9.79 2.61
C LEU B 18 -1.71 -9.00 1.35
N THR B 19 -0.56 -8.30 1.34
CA THR B 19 -0.12 -7.55 0.16
C THR B 19 1.30 -7.94 -0.25
N ASN B 20 1.60 -7.71 -1.53
CA ASN B 20 2.86 -8.09 -2.11
C ASN B 20 3.95 -7.16 -1.58
N SER B 21 5.13 -7.72 -1.32
CA SER B 21 6.25 -6.93 -0.85
C SER B 21 7.14 -6.40 -1.97
N ARG B 22 6.83 -6.79 -3.23
CA ARG B 22 7.65 -6.35 -4.36
C ARG B 22 6.93 -5.38 -5.29
N PHE B 23 5.61 -5.21 -5.11
CA PHE B 23 4.86 -4.20 -5.85
C PHE B 23 3.59 -3.96 -5.05
N PRO B 24 3.02 -2.75 -5.09
CA PRO B 24 1.80 -2.47 -4.28
C PRO B 24 0.53 -3.09 -4.84
N LEU B 25 0.37 -4.37 -4.52
CA LEU B 25 -0.73 -5.18 -5.02
C LEU B 25 -1.18 -6.10 -3.90
N PRO B 26 -2.47 -6.48 -3.88
CA PRO B 26 -2.92 -7.53 -2.97
C PRO B 26 -2.36 -8.89 -3.38
N ILE B 27 -2.18 -9.82 -2.44
CA ILE B 27 -1.82 -11.18 -2.85
C ILE B 27 -3.05 -11.85 -3.46
N ASP B 28 -2.88 -12.44 -4.64
CA ASP B 28 -3.98 -13.13 -5.32
C ASP B 28 -3.99 -14.63 -5.07
N VAL B 29 -2.84 -15.30 -5.22
CA VAL B 29 -2.79 -16.74 -5.01
C VAL B 29 -1.41 -17.14 -4.50
N LEU B 30 -1.31 -18.32 -3.86
CA LEU B 30 -0.03 -18.97 -3.63
C LEU B 30 0.35 -19.71 -4.92
N TYR B 31 1.64 -19.83 -5.18
CA TYR B 31 2.08 -20.26 -6.51
C TYR B 31 3.41 -20.99 -6.50
N THR B 32 3.56 -22.04 -7.32
CA THR B 32 4.87 -22.70 -7.47
C THR B 32 5.26 -22.79 -8.92
N ASN B 33 6.56 -22.90 -9.18
CA ASN B 33 7.07 -23.09 -10.53
C ASN B 33 8.40 -23.85 -10.47
N PRO B 34 8.36 -25.18 -10.23
CA PRO B 34 9.57 -25.97 -9.97
C PRO B 34 10.62 -25.92 -11.06
N ASN B 35 10.20 -25.75 -12.31
CA ASN B 35 11.13 -25.80 -13.42
C ASN B 35 11.80 -24.47 -13.74
N GLU B 36 11.48 -23.45 -12.94
CA GLU B 36 12.12 -22.14 -13.08
C GLU B 36 13.62 -22.28 -13.24
N SER B 37 14.18 -21.69 -14.29
CA SER B 37 15.62 -21.80 -14.53
C SER B 37 16.42 -20.63 -13.95
N ALA B 38 15.74 -19.52 -13.69
CA ALA B 38 16.41 -18.32 -13.20
C ALA B 38 16.80 -18.45 -11.73
N ILE B 39 17.89 -17.79 -11.37
CA ILE B 39 18.24 -17.55 -9.99
C ILE B 39 17.24 -16.56 -9.37
N VAL B 40 16.65 -16.95 -8.25
CA VAL B 40 15.70 -16.10 -7.53
C VAL B 40 16.48 -15.29 -6.50
N GLN B 41 16.56 -13.97 -6.71
CA GLN B 41 17.35 -13.13 -5.82
C GLN B 41 16.75 -11.73 -5.77
N CYS B 42 15.43 -11.71 -5.59
CA CYS B 42 14.75 -10.41 -5.45
C CYS B 42 15.26 -9.66 -4.22
N GLN B 43 15.07 -8.34 -4.23
CA GLN B 43 15.68 -7.45 -3.22
C GLN B 43 14.66 -6.73 -2.34
N ASN B 44 13.40 -6.67 -2.80
CA ASN B 44 12.29 -6.22 -1.95
C ASN B 44 11.59 -7.42 -1.36
N GLY B 45 10.95 -7.21 -0.23
CA GLY B 45 10.35 -8.31 0.52
C GLY B 45 11.37 -9.30 1.06
N ARG B 46 12.52 -8.79 1.50
CA ARG B 46 13.61 -9.63 2.04
C ARG B 46 13.79 -9.29 3.51
N CYS B 47 13.60 -10.29 4.36
CA CYS B 47 13.74 -10.11 5.80
C CYS B 47 14.03 -11.48 6.38
N THR B 48 15.01 -11.55 7.28
CA THR B 48 15.30 -12.82 7.95
C THR B 48 14.21 -13.09 8.98
N LEU B 49 14.09 -14.33 9.43
CA LEU B 49 13.09 -14.67 10.43
C LEU B 49 13.28 -13.95 11.76
N ASP B 50 14.50 -13.51 12.04
CA ASP B 50 14.74 -12.76 13.28
C ASP B 50 14.69 -11.24 13.11
N GLY B 51 14.17 -10.80 11.97
CA GLY B 51 13.82 -9.40 11.80
C GLY B 51 14.84 -8.48 11.15
N GLU B 52 15.83 -9.03 10.47
CA GLU B 52 16.82 -8.23 9.76
C GLU B 52 16.38 -7.96 8.32
N LEU B 53 16.05 -6.71 8.00
CA LEU B 53 15.75 -6.33 6.64
C LEU B 53 16.99 -6.47 5.75
N GLN B 54 16.79 -6.96 4.53
CA GLN B 54 17.89 -7.10 3.59
C GLN B 54 17.58 -6.51 2.23
N GLY B 55 18.58 -6.45 1.35
CA GLY B 55 18.37 -5.89 0.03
C GLY B 55 17.95 -4.43 0.07
N THR B 56 16.93 -4.09 -0.72
CA THR B 56 16.38 -2.72 -0.74
C THR B 56 15.08 -2.66 0.08
N THR B 57 14.86 -3.62 0.96
CA THR B 57 13.57 -3.72 1.65
C THR B 57 13.37 -2.64 2.72
N GLN B 58 12.22 -1.99 2.66
CA GLN B 58 11.80 -1.05 3.72
C GLN B 58 10.37 -1.40 4.15
N LEU B 59 9.83 -0.70 5.13
CA LEU B 59 8.61 -1.15 5.80
C LEU B 59 7.33 -0.62 5.21
N LEU B 60 7.40 0.51 4.52
CA LEU B 60 6.18 1.15 4.04
C LEU B 60 5.60 0.48 2.79
N PRO B 61 4.32 0.13 2.84
CA PRO B 61 3.71 -0.39 1.61
C PRO B 61 3.76 0.67 0.49
N THR B 62 3.72 1.95 0.86
CA THR B 62 3.76 3.04 -0.10
C THR B 62 5.16 3.25 -0.68
N GLY B 63 6.17 2.62 -0.09
CA GLY B 63 7.54 2.85 -0.52
C GLY B 63 8.03 1.84 -1.56
N ILE B 64 7.24 0.79 -1.81
CA ILE B 64 7.67 -0.27 -2.69
C ILE B 64 7.56 0.18 -4.16
N CYS B 65 8.70 0.20 -4.85
CA CYS B 65 8.83 0.69 -6.21
C CYS B 65 8.51 2.18 -6.32
N ALA B 66 8.71 2.90 -5.22
CA ALA B 66 8.53 4.37 -5.22
C ALA B 66 9.87 5.06 -5.37
N PHE B 67 9.81 6.30 -5.87
CA PHE B 67 10.97 7.19 -5.84
C PHE B 67 10.55 8.58 -5.42
N ARG B 68 11.52 9.28 -4.83
N ARG B 68 11.50 9.29 -4.79
CA ARG B 68 11.42 10.69 -4.54
CA ARG B 68 11.38 10.72 -4.50
C ARG B 68 12.66 11.34 -5.16
C ARG B 68 12.66 11.42 -4.95
N GLY B 69 12.51 12.60 -5.57
CA GLY B 69 13.67 13.35 -6.03
C GLY B 69 13.27 14.60 -6.75
N LYS B 70 14.12 15.03 -7.67
CA LYS B 70 13.91 16.28 -8.43
C LYS B 70 14.32 16.06 -9.87
N VAL B 71 13.56 16.61 -10.80
CA VAL B 71 13.91 16.54 -12.21
C VAL B 71 14.97 17.58 -12.54
N THR B 72 15.93 17.19 -13.38
CA THR B 72 17.03 18.10 -13.78
C THR B 72 17.07 18.49 -15.25
N GLN B 73 16.60 17.62 -16.14
CA GLN B 73 16.68 17.90 -17.57
C GLN B 73 15.64 17.12 -18.36
N GLN B 74 15.16 17.71 -19.44
CA GLN B 74 14.29 17.10 -20.41
C GLN B 74 15.12 16.63 -21.59
N VAL B 75 14.92 15.39 -22.01
CA VAL B 75 15.59 14.87 -23.19
C VAL B 75 14.58 14.20 -24.08
N GLN B 76 14.39 14.73 -25.28
CA GLN B 76 13.44 14.18 -26.23
C GLN B 76 13.88 12.83 -26.73
N ASP B 77 12.92 11.92 -26.80
CA ASP B 77 13.16 10.63 -27.40
C ASP B 77 13.39 10.82 -28.89
N GLU B 78 14.08 9.87 -29.52
CA GLU B 78 14.30 9.95 -30.96
C GLU B 78 12.99 10.00 -31.75
N HIS B 79 12.01 9.20 -31.34
CA HIS B 79 10.79 9.07 -32.12
C HIS B 79 9.53 9.51 -31.39
N ARG B 80 9.27 8.93 -30.23
CA ARG B 80 8.07 9.30 -29.47
C ARG B 80 8.29 9.44 -27.97
N GLY B 81 7.63 10.44 -27.40
CA GLY B 81 7.71 10.69 -25.98
C GLY B 81 8.88 11.56 -25.58
N THR B 82 8.97 11.77 -24.28
CA THR B 82 9.95 12.67 -23.72
C THR B 82 10.49 11.99 -22.52
N HIS B 83 11.77 12.13 -22.28
CA HIS B 83 12.41 11.59 -21.11
C HIS B 83 12.80 12.73 -20.22
N TRP B 84 13.00 12.39 -18.94
CA TRP B 84 13.29 13.37 -17.89
C TRP B 84 14.30 12.76 -16.96
N ASN B 85 15.43 13.44 -16.78
CA ASN B 85 16.40 12.97 -15.83
C ASN B 85 15.99 13.40 -14.43
N MET B 86 16.12 12.51 -13.48
CA MET B 86 15.69 12.75 -12.11
C MET B 86 16.78 12.35 -11.10
N THR B 87 17.14 13.25 -10.19
CA THR B 87 18.01 12.89 -9.07
C THR B 87 17.13 12.30 -8.00
N VAL B 88 17.53 11.19 -7.40
CA VAL B 88 16.70 10.56 -6.38
C VAL B 88 17.34 10.67 -5.01
N THR B 89 16.51 10.81 -4.00
CA THR B 89 16.94 10.86 -2.62
C THR B 89 16.43 9.57 -1.94
N ASN B 90 16.71 9.41 -0.65
CA ASN B 90 15.96 8.39 0.12
C ASN B 90 14.51 8.76 0.11
N LEU B 91 13.65 7.78 0.35
CA LEU B 91 12.21 8.07 0.38
C LEU B 91 11.85 9.06 1.50
N ASN B 92 12.63 9.13 2.57
CA ASN B 92 12.35 10.09 3.65
C ASN B 92 12.86 11.50 3.34
N GLY B 93 13.38 11.71 2.14
CA GLY B 93 13.81 13.03 1.70
C GLY B 93 15.27 13.34 1.96
N THR B 94 15.93 12.55 2.79
CA THR B 94 17.35 12.81 3.07
C THR B 94 18.18 12.39 1.87
N PRO B 95 19.37 12.96 1.73
CA PRO B 95 20.17 12.63 0.55
C PRO B 95 20.59 11.18 0.58
N PHE B 96 20.56 10.51 -0.57
CA PHE B 96 21.01 9.13 -0.63
C PHE B 96 22.54 9.07 -0.59
N ASP B 97 23.07 8.30 0.35
CA ASP B 97 24.52 8.16 0.49
C ASP B 97 24.96 6.82 -0.12
N PRO B 98 25.64 6.88 -1.26
CA PRO B 98 26.10 5.68 -1.98
C PRO B 98 27.09 4.83 -1.18
N THR B 99 27.65 5.35 -0.10
CA THR B 99 28.57 4.54 0.70
C THR B 99 27.88 3.66 1.72
N GLU B 100 26.57 3.82 1.86
CA GLU B 100 25.81 2.96 2.75
C GLU B 100 25.75 1.56 2.15
N ASP B 101 25.67 0.57 3.02
CA ASP B 101 25.70 -0.84 2.60
C ASP B 101 24.35 -1.37 2.14
N VAL B 102 23.81 -0.74 1.10
CA VAL B 102 22.57 -1.16 0.47
C VAL B 102 22.79 -1.15 -1.03
N PRO B 103 22.00 -1.95 -1.77
CA PRO B 103 22.21 -2.00 -3.23
C PRO B 103 21.82 -0.70 -3.95
N ALA B 104 20.93 0.09 -3.33
CA ALA B 104 20.26 1.20 -3.97
C ALA B 104 19.34 1.80 -2.90
N PRO B 105 18.73 2.96 -3.17
CA PRO B 105 17.79 3.48 -2.18
C PRO B 105 16.71 2.46 -1.82
N LEU B 106 16.36 2.38 -0.56
CA LEU B 106 15.33 1.43 -0.17
C LEU B 106 14.05 1.73 -0.94
N GLY B 107 13.40 0.66 -1.38
CA GLY B 107 12.17 0.72 -2.18
C GLY B 107 12.41 0.68 -3.69
N THR B 108 13.64 0.91 -4.14
CA THR B 108 13.96 0.83 -5.58
C THR B 108 13.41 -0.48 -6.16
N PRO B 109 12.80 -0.44 -7.36
CA PRO B 109 12.33 -1.71 -7.99
C PRO B 109 13.46 -2.74 -8.12
N ASP B 110 13.10 -4.01 -8.01
CA ASP B 110 14.08 -5.11 -8.02
C ASP B 110 13.97 -6.03 -9.23
N PHE B 111 13.42 -5.52 -10.33
CA PHE B 111 13.24 -6.34 -11.52
C PHE B 111 13.36 -5.50 -12.78
N SER B 112 13.66 -6.18 -13.88
CA SER B 112 13.75 -5.58 -15.19
C SER B 112 12.35 -5.42 -15.80
N GLY B 113 12.06 -4.21 -16.27
CA GLY B 113 10.83 -4.01 -17.00
C GLY B 113 10.54 -2.52 -17.15
N GLN B 114 9.41 -2.22 -17.77
CA GLN B 114 8.91 -0.85 -17.92
C GLN B 114 7.85 -0.63 -16.86
N ILE B 115 8.20 0.05 -15.78
CA ILE B 115 7.27 0.25 -14.67
C ILE B 115 6.47 1.51 -14.93
N TYR B 116 5.14 1.34 -14.98
CA TYR B 116 4.20 2.41 -15.28
C TYR B 116 3.63 2.98 -13.97
N GLY B 117 3.51 4.30 -13.92
CA GLY B 117 2.95 4.93 -12.73
C GLY B 117 2.68 6.39 -13.02
N VAL B 118 2.64 7.18 -11.95
CA VAL B 118 2.38 8.61 -12.07
C VAL B 118 3.49 9.37 -11.39
N ILE B 119 4.05 10.34 -12.11
CA ILE B 119 4.95 11.32 -11.53
C ILE B 119 4.13 12.53 -11.10
N SER B 120 4.28 12.94 -9.84
CA SER B 120 3.60 14.15 -9.36
C SER B 120 4.60 15.10 -8.75
N GLN B 121 4.27 16.38 -8.77
CA GLN B 121 5.15 17.44 -8.24
C GLN B 121 4.37 18.46 -7.46
N ARG B 122 4.95 18.91 -6.36
CA ARG B 122 4.41 20.04 -5.62
C ARG B 122 5.56 21.03 -5.45
N ASN B 123 5.41 22.22 -6.00
CA ASN B 123 6.54 23.14 -6.01
C ASN B 123 6.89 23.60 -4.60
N THR B 124 8.17 23.91 -4.41
CA THR B 124 8.67 24.48 -3.16
C THR B 124 8.21 25.93 -2.97
N ASN B 125 8.25 26.69 -4.04
CA ASN B 125 7.99 28.14 -4.01
C ASN B 125 6.51 28.50 -4.14
N THR B 126 6.13 29.64 -3.58
CA THR B 126 4.73 30.06 -3.62
C THR B 126 4.59 31.56 -3.44
N ASN B 132 0.25 32.26 -2.49
CA ASN B 132 0.57 31.65 -1.20
C ASN B 132 0.55 30.12 -1.21
N LEU B 133 -0.11 29.52 -2.21
CA LEU B 133 -0.17 28.05 -2.32
C LEU B 133 0.72 27.60 -3.49
N PRO B 134 1.39 26.44 -3.34
CA PRO B 134 2.26 26.01 -4.44
C PRO B 134 1.52 25.43 -5.65
N ALA B 135 2.18 25.53 -6.80
CA ALA B 135 1.68 24.90 -8.03
C ALA B 135 1.97 23.39 -8.03
N ASN B 136 1.13 22.63 -8.74
CA ASN B 136 1.22 21.17 -8.79
C ASN B 136 1.04 20.67 -10.21
N ARG B 137 1.57 19.50 -10.50
CA ARG B 137 1.21 18.79 -11.73
C ARG B 137 1.47 17.31 -11.54
N ALA B 138 0.75 16.48 -12.29
CA ALA B 138 1.07 15.04 -12.33
C ALA B 138 0.83 14.52 -13.72
N HIS B 139 1.61 13.52 -14.13
CA HIS B 139 1.44 12.88 -15.44
C HIS B 139 1.78 11.43 -15.35
N GLU B 140 1.19 10.62 -16.23
CA GLU B 140 1.62 9.25 -16.37
C GLU B 140 3.07 9.17 -16.79
N ALA B 141 3.76 8.15 -16.29
CA ALA B 141 5.19 8.02 -16.54
C ALA B 141 5.60 6.57 -16.59
N VAL B 142 6.74 6.30 -17.22
CA VAL B 142 7.29 4.96 -17.29
C VAL B 142 8.78 5.00 -16.92
N ILE B 143 9.22 4.08 -16.08
CA ILE B 143 10.63 3.94 -15.73
C ILE B 143 11.11 2.59 -16.25
N ALA B 144 12.05 2.62 -17.22
CA ALA B 144 12.63 1.41 -17.78
C ALA B 144 13.83 1.01 -16.93
N THR B 145 13.66 -0.04 -16.13
CA THR B 145 14.69 -0.32 -15.13
C THR B 145 15.88 -1.04 -15.74
N TYR B 146 15.76 -1.48 -17.00
CA TYR B 146 16.87 -2.10 -17.75
C TYR B 146 17.71 -1.08 -18.50
N SER B 147 17.28 0.18 -18.49
CA SER B 147 17.93 1.24 -19.23
C SER B 147 19.30 1.60 -18.65
N PRO B 148 20.27 1.93 -19.51
CA PRO B 148 21.56 2.42 -19.01
C PRO B 148 21.41 3.67 -18.15
N LYS B 149 20.29 4.38 -18.27
CA LYS B 149 20.06 5.59 -17.49
C LYS B 149 19.45 5.29 -16.11
N PHE B 150 19.14 4.02 -15.86
CA PHE B 150 18.60 3.63 -14.56
C PHE B 150 19.77 3.35 -13.63
N THR B 151 20.19 4.34 -12.86
CA THR B 151 21.36 4.25 -11.98
C THR B 151 21.03 4.77 -10.58
N PRO B 152 20.02 4.18 -9.93
CA PRO B 152 19.59 4.70 -8.63
C PRO B 152 20.71 4.63 -7.58
N LYS B 153 21.61 3.64 -7.66
CA LYS B 153 22.72 3.60 -6.72
C LYS B 153 23.67 4.82 -6.88
N LEU B 154 23.68 5.43 -8.06
CA LEU B 154 24.47 6.63 -8.32
C LEU B 154 23.64 7.89 -8.07
N GLY B 155 22.38 7.71 -7.69
CA GLY B 155 21.54 8.84 -7.31
C GLY B 155 20.73 9.43 -8.43
N ASN B 156 20.63 8.74 -9.56
CA ASN B 156 19.87 9.29 -10.67
C ASN B 156 19.24 8.25 -11.59
N ILE B 157 18.05 8.59 -12.07
CA ILE B 157 17.28 7.72 -12.97
C ILE B 157 16.67 8.57 -14.08
N GLN B 158 15.96 7.91 -14.99
CA GLN B 158 15.24 8.61 -16.03
C GLN B 158 13.83 8.04 -16.04
N PHE B 159 12.86 8.88 -16.31
CA PHE B 159 11.50 8.40 -16.57
C PHE B 159 11.02 9.02 -17.88
N SER B 160 10.04 8.41 -18.51
CA SER B 160 9.51 8.89 -19.76
C SER B 160 8.02 9.20 -19.58
N THR B 161 7.55 10.20 -20.32
CA THR B 161 6.15 10.58 -20.29
C THR B 161 5.59 10.70 -21.71
N TRP B 162 4.26 10.61 -21.81
CA TRP B 162 3.53 10.97 -23.02
C TRP B 162 3.40 12.50 -23.08
N GLU B 163 3.20 13.13 -21.92
CA GLU B 163 3.25 14.58 -21.83
C GLU B 163 4.59 15.10 -22.34
N THR B 164 4.54 16.14 -23.18
CA THR B 164 5.78 16.61 -23.77
C THR B 164 6.44 17.82 -23.10
N GLN B 165 5.73 18.54 -22.21
CA GLN B 165 6.34 19.76 -21.68
C GLN B 165 6.15 20.06 -20.19
N ASP B 166 5.02 19.62 -19.65
CA ASP B 166 4.57 20.07 -18.33
C ASP B 166 5.12 19.24 -17.15
N VAL B 167 6.45 19.14 -17.11
CA VAL B 167 7.17 18.58 -15.98
C VAL B 167 8.22 19.62 -15.60
N SER B 168 8.28 20.00 -14.33
CA SER B 168 9.16 21.11 -13.92
C SER B 168 10.48 20.61 -13.37
N SER B 169 11.54 21.39 -13.61
CA SER B 169 12.86 21.05 -13.07
C SER B 169 13.01 21.70 -11.71
N GLY B 170 13.83 21.10 -10.84
CA GLY B 170 14.15 21.69 -9.56
C GLY B 170 13.06 21.67 -8.50
N GLN B 171 12.05 20.82 -8.70
CA GLN B 171 10.88 20.78 -7.82
C GLN B 171 10.65 19.37 -7.29
N PRO B 172 10.21 19.26 -6.04
CA PRO B 172 9.99 17.93 -5.45
C PRO B 172 9.05 17.06 -6.28
N THR B 173 9.49 15.82 -6.50
CA THR B 173 8.86 14.91 -7.44
C THR B 173 8.70 13.54 -6.78
N LYS B 174 7.52 12.96 -6.97
CA LYS B 174 7.15 11.63 -6.42
C LYS B 174 6.79 10.72 -7.56
N PHE B 175 7.27 9.47 -7.55
CA PHE B 175 6.76 8.45 -8.46
C PHE B 175 5.89 7.49 -7.68
N THR B 176 4.63 7.36 -8.10
CA THR B 176 3.69 6.40 -7.51
C THR B 176 3.55 5.28 -8.54
N PRO B 177 3.98 4.06 -8.18
CA PRO B 177 3.88 2.95 -9.15
C PRO B 177 2.44 2.46 -9.30
N VAL B 178 2.09 2.03 -10.50
CA VAL B 178 0.73 1.49 -10.77
C VAL B 178 0.79 0.09 -11.40
N GLY B 179 1.69 -0.13 -12.36
CA GLY B 179 1.75 -1.42 -13.01
C GLY B 179 2.91 -1.48 -13.97
N LEU B 180 2.74 -2.20 -15.08
CA LEU B 180 3.77 -2.25 -16.14
C LEU B 180 3.27 -1.54 -17.37
N ALA B 181 4.16 -1.00 -18.18
CA ALA B 181 3.72 -0.32 -19.40
C ALA B 181 3.36 -1.34 -20.49
N SER B 182 4.13 -2.43 -20.53
CA SER B 182 4.01 -3.44 -21.58
C SER B 182 4.73 -4.68 -21.12
N VAL B 183 4.39 -5.84 -21.69
CA VAL B 183 5.26 -7.01 -21.53
C VAL B 183 5.59 -7.59 -22.88
N ASP B 184 5.59 -6.75 -23.91
CA ASP B 184 6.04 -7.24 -25.21
C ASP B 184 7.56 -7.50 -25.21
N ALA B 185 8.06 -8.15 -26.24
CA ALA B 185 9.48 -8.51 -26.26
C ALA B 185 10.41 -7.31 -26.02
N ASN B 186 10.11 -6.18 -26.64
CA ASN B 186 10.97 -5.00 -26.54
C ASN B 186 10.90 -4.30 -25.18
N SER B 187 10.06 -4.81 -24.28
CA SER B 187 9.87 -4.15 -23.00
C SER B 187 10.62 -4.86 -21.87
N HIS B 188 11.27 -5.96 -22.20
CA HIS B 188 12.21 -6.59 -21.29
C HIS B 188 11.70 -6.84 -19.88
N PHE B 189 10.49 -7.34 -19.77
CA PHE B 189 10.00 -7.71 -18.45
C PHE B 189 10.56 -9.07 -18.04
N ASP B 190 11.28 -9.11 -16.94
CA ASP B 190 11.71 -10.37 -16.34
C ASP B 190 11.81 -10.16 -14.85
N GLN B 191 10.88 -10.75 -14.11
CA GLN B 191 10.79 -10.48 -12.68
C GLN B 191 11.98 -10.96 -11.86
N TRP B 192 12.79 -11.86 -12.44
CA TRP B 192 13.96 -12.36 -11.72
C TRP B 192 15.27 -11.78 -12.21
N THR B 193 15.24 -10.90 -13.21
CA THR B 193 16.47 -10.22 -13.61
C THR B 193 16.58 -8.93 -12.83
N LEU B 194 17.65 -8.78 -12.03
CA LEU B 194 17.84 -7.55 -11.28
C LEU B 194 18.24 -6.40 -12.21
N PRO B 195 17.82 -5.18 -11.88
CA PRO B 195 18.43 -4.04 -12.56
C PRO B 195 19.92 -3.95 -12.22
N SER B 196 20.67 -3.27 -13.06
CA SER B 196 22.03 -2.88 -12.73
C SER B 196 21.93 -1.55 -12.03
N TYR B 197 21.98 -1.58 -10.72
CA TYR B 197 21.71 -0.38 -9.94
C TYR B 197 22.66 0.79 -10.18
N SER B 198 23.89 0.50 -10.64
CA SER B 198 24.87 1.52 -10.99
C SER B 198 25.18 1.54 -12.49
N GLY B 199 24.35 0.90 -13.30
CA GLY B 199 24.67 0.84 -14.73
C GLY B 199 25.36 -0.46 -15.12
N ALA B 200 25.38 -0.75 -16.41
CA ALA B 200 25.58 -2.11 -16.88
C ALA B 200 26.98 -2.70 -16.65
N LEU B 201 27.99 -1.85 -16.62
CA LEU B 201 29.36 -2.35 -16.45
C LEU B 201 29.78 -2.50 -14.98
N THR B 202 28.86 -2.23 -14.05
CA THR B 202 29.17 -2.20 -12.63
C THR B 202 28.40 -3.30 -11.92
N LEU B 203 29.07 -3.99 -10.99
CA LEU B 203 28.46 -5.06 -10.23
C LEU B 203 27.50 -4.52 -9.17
N ASN B 204 26.35 -5.15 -9.04
CA ASN B 204 25.46 -4.85 -7.91
C ASN B 204 26.13 -5.25 -6.61
N MET B 205 25.87 -4.51 -5.55
CA MET B 205 26.46 -4.85 -4.27
C MET B 205 25.48 -4.83 -3.11
N ASN B 206 25.89 -5.47 -2.03
CA ASN B 206 25.10 -5.51 -0.81
C ASN B 206 23.78 -6.22 -1.01
N LEU B 207 23.75 -7.20 -1.90
CA LEU B 207 22.48 -7.87 -2.23
C LEU B 207 22.03 -8.83 -1.16
N ALA B 208 20.71 -8.96 -0.99
CA ALA B 208 20.14 -10.09 -0.28
C ALA B 208 20.49 -11.35 -1.07
N PRO B 209 20.75 -12.47 -0.38
CA PRO B 209 21.23 -13.66 -1.10
C PRO B 209 20.15 -14.34 -1.95
N SER B 210 20.59 -15.11 -2.93
CA SER B 210 19.65 -15.92 -3.70
C SER B 210 19.01 -16.99 -2.81
N VAL B 211 17.85 -17.48 -3.21
CA VAL B 211 17.10 -18.47 -2.44
C VAL B 211 16.76 -19.63 -3.36
N ALA B 212 16.78 -20.85 -2.80
CA ALA B 212 16.54 -22.07 -3.58
C ALA B 212 16.22 -23.18 -2.60
N PRO B 213 15.46 -24.20 -3.06
CA PRO B 213 15.35 -25.43 -2.25
C PRO B 213 16.69 -26.17 -2.26
N VAL B 214 16.95 -26.95 -1.24
CA VAL B 214 18.22 -27.69 -1.17
C VAL B 214 17.95 -29.19 -1.06
N PHE B 215 16.67 -29.53 -1.02
CA PHE B 215 16.21 -30.89 -0.86
C PHE B 215 15.46 -31.29 -2.13
N PRO B 216 15.74 -32.48 -2.66
CA PRO B 216 15.03 -32.96 -3.85
C PRO B 216 13.53 -33.05 -3.62
N GLY B 217 12.75 -32.70 -4.63
CA GLY B 217 11.31 -32.75 -4.51
C GLY B 217 10.70 -31.48 -3.93
N GLU B 218 11.54 -30.60 -3.39
CA GLU B 218 11.04 -29.30 -2.90
C GLU B 218 11.19 -28.20 -3.95
N CYS B 219 10.29 -27.20 -3.87
CA CYS B 219 10.36 -26.04 -4.75
C CYS B 219 9.97 -24.82 -3.92
N LEU B 220 10.31 -23.64 -4.41
CA LEU B 220 9.91 -22.38 -3.75
C LEU B 220 8.39 -22.24 -3.80
N LEU B 221 7.82 -21.65 -2.76
CA LEU B 221 6.41 -21.28 -2.71
C LEU B 221 6.34 -19.76 -2.68
N PHE B 222 5.58 -19.18 -3.61
CA PHE B 222 5.51 -17.72 -3.75
C PHE B 222 4.12 -17.21 -3.40
N PHE B 223 4.08 -15.93 -2.99
CA PHE B 223 2.83 -15.16 -2.90
C PHE B 223 2.74 -14.33 -4.17
N ARG B 224 1.78 -14.67 -5.03
CA ARG B 224 1.68 -14.10 -6.36
C ARG B 224 0.60 -13.03 -6.45
N SER B 225 0.94 -11.95 -7.13
CA SER B 225 -0.02 -10.91 -7.49
C SER B 225 0.00 -10.63 -8.96
N PHE B 226 -1.16 -10.37 -9.54
CA PHE B 226 -1.20 -9.96 -10.93
C PHE B 226 -1.08 -8.45 -11.04
N ILE B 227 -0.25 -8.02 -11.97
CA ILE B 227 0.12 -6.60 -12.05
C ILE B 227 -0.58 -5.97 -13.26
N PRO B 228 -1.15 -4.74 -13.08
CA PRO B 228 -1.84 -4.09 -14.20
C PRO B 228 -0.90 -3.76 -15.37
N LEU B 229 -1.49 -3.64 -16.54
CA LEU B 229 -0.83 -3.22 -17.76
C LEU B 229 -1.43 -1.96 -18.36
N LYS B 230 -0.59 -1.05 -18.81
CA LYS B 230 -1.03 0.16 -19.51
C LYS B 230 -1.59 -0.17 -20.90
N GLY B 231 -1.06 -1.23 -21.53
CA GLY B 231 -1.52 -1.60 -22.85
C GLY B 231 -0.97 -2.94 -23.28
N GLY B 232 -1.47 -3.42 -24.40
CA GLY B 232 -1.00 -4.68 -24.99
C GLY B 232 -1.61 -5.94 -24.40
N TYR B 233 -1.10 -7.09 -24.82
CA TYR B 233 -1.58 -8.37 -24.34
C TYR B 233 -0.68 -8.87 -23.22
N GLY B 234 -1.27 -9.64 -22.32
CA GLY B 234 -0.51 -10.26 -21.25
C GLY B 234 -1.32 -10.44 -19.98
N ASN B 235 -0.82 -11.33 -19.13
CA ASN B 235 -1.34 -11.45 -17.79
C ASN B 235 -0.20 -11.54 -16.79
N PRO B 236 0.62 -10.48 -16.73
CA PRO B 236 1.83 -10.55 -15.91
C PRO B 236 1.57 -10.63 -14.42
N ALA B 237 2.50 -11.28 -13.72
CA ALA B 237 2.48 -11.45 -12.29
C ALA B 237 3.81 -11.08 -11.66
N ILE B 238 3.76 -10.78 -10.36
CA ILE B 238 4.94 -10.52 -9.56
C ILE B 238 4.84 -11.46 -8.36
N ASP B 239 5.87 -12.27 -8.17
CA ASP B 239 5.90 -13.24 -7.07
C ASP B 239 6.83 -12.79 -5.96
N CYS B 240 6.33 -12.73 -4.73
CA CYS B 240 7.21 -12.36 -3.61
C CYS B 240 7.44 -13.56 -2.69
N LEU B 241 8.51 -13.48 -1.91
CA LEU B 241 8.90 -14.60 -1.06
C LEU B 241 8.10 -14.57 0.23
N MET B 242 7.79 -13.37 0.70
CA MET B 242 6.92 -13.19 1.85
C MET B 242 6.14 -11.91 1.62
N PRO B 243 4.90 -11.87 2.09
CA PRO B 243 4.14 -10.64 1.94
C PRO B 243 4.69 -9.50 2.81
N GLN B 244 4.33 -8.29 2.45
CA GLN B 244 4.78 -7.12 3.20
C GLN B 244 4.39 -7.18 4.67
N GLU B 245 3.22 -7.76 4.99
CA GLU B 245 2.83 -7.86 6.38
C GLU B 245 3.72 -8.80 7.18
N TRP B 246 4.28 -9.81 6.51
CA TRP B 246 5.23 -10.66 7.22
C TRP B 246 6.55 -9.94 7.50
N VAL B 247 7.05 -9.19 6.52
CA VAL B 247 8.21 -8.35 6.73
C VAL B 247 7.99 -7.44 7.93
N GLN B 248 6.84 -6.77 7.97
CA GLN B 248 6.56 -5.86 9.06
C GLN B 248 6.48 -6.58 10.42
N HIS B 249 5.90 -7.77 10.43
CA HIS B 249 5.74 -8.54 11.65
C HIS B 249 7.08 -9.01 12.19
N LEU B 250 7.89 -9.58 11.30
CA LEU B 250 9.21 -10.11 11.68
C LEU B 250 10.12 -9.01 12.21
N TYR B 251 10.07 -7.85 11.57
CA TYR B 251 10.85 -6.71 12.00
C TYR B 251 10.46 -6.30 13.41
N GLN B 252 9.14 -6.25 13.66
CA GLN B 252 8.59 -5.90 14.98
C GLN B 252 9.07 -6.85 16.08
N GLU B 253 8.84 -8.14 15.83
CA GLU B 253 9.06 -9.19 16.82
C GLU B 253 10.53 -9.45 17.06
N SER B 254 11.31 -9.57 16.00
CA SER B 254 12.73 -9.92 16.11
C SER B 254 12.91 -11.10 17.06
N ALA B 255 12.13 -12.15 16.83
CA ALA B 255 12.24 -13.38 17.62
C ALA B 255 13.49 -14.15 17.19
N PRO B 256 14.27 -14.67 18.18
CA PRO B 256 15.44 -15.49 17.88
C PRO B 256 15.10 -16.71 17.02
N SER B 257 15.87 -16.96 15.96
CA SER B 257 15.66 -18.17 15.17
C SER B 257 16.33 -19.34 15.86
N LEU B 258 15.57 -20.39 16.15
CA LEU B 258 16.09 -21.50 16.94
C LEU B 258 16.69 -22.63 16.10
N SER B 259 16.43 -22.61 14.80
CA SER B 259 17.14 -23.43 13.84
C SER B 259 17.13 -22.68 12.51
N ASP B 260 17.55 -23.32 11.44
CA ASP B 260 17.60 -22.65 10.16
C ASP B 260 16.33 -22.82 9.36
N VAL B 261 15.43 -23.67 9.84
CA VAL B 261 14.18 -23.95 9.16
C VAL B 261 13.01 -24.03 10.13
N ALA B 262 12.00 -23.19 9.93
CA ALA B 262 10.76 -23.29 10.67
C ALA B 262 9.75 -24.13 9.87
N LEU B 263 9.04 -25.03 10.55
CA LEU B 263 7.91 -25.73 9.95
C LEU B 263 6.60 -24.97 10.16
N VAL B 264 5.90 -24.66 9.08
CA VAL B 264 4.63 -23.95 9.18
C VAL B 264 3.53 -24.79 8.52
N ARG B 265 2.31 -24.62 9.00
CA ARG B 265 1.16 -25.33 8.45
C ARG B 265 0.15 -24.34 7.90
N TYR B 266 -0.37 -24.63 6.71
CA TYR B 266 -1.42 -23.79 6.15
C TYR B 266 -2.71 -24.37 6.63
N VAL B 267 -3.48 -23.61 7.41
CA VAL B 267 -4.65 -24.20 8.06
C VAL B 267 -5.95 -23.55 7.66
N ASN B 268 -7.01 -24.35 7.62
CA ASN B 268 -8.36 -23.87 7.48
C ASN B 268 -8.92 -23.70 8.88
N PRO B 269 -9.13 -22.45 9.31
CA PRO B 269 -9.59 -22.14 10.67
C PRO B 269 -10.98 -22.72 10.96
N GLU B 270 -11.85 -22.77 9.96
CA GLU B 270 -13.20 -23.26 10.16
C GLU B 270 -13.21 -24.74 10.55
N THR B 271 -12.43 -25.54 9.85
CA THR B 271 -12.37 -26.97 10.10
C THR B 271 -11.20 -27.31 11.03
N GLY B 272 -10.27 -26.36 11.18
CA GLY B 272 -9.08 -26.57 11.97
C GLY B 272 -8.09 -27.51 11.31
N ARG B 273 -8.39 -27.92 10.07
CA ARG B 273 -7.54 -28.88 9.37
C ARG B 273 -6.33 -28.21 8.73
N THR B 274 -5.23 -28.96 8.68
CA THR B 274 -4.06 -28.54 7.96
C THR B 274 -4.20 -28.96 6.50
N LEU B 275 -4.05 -28.01 5.59
CA LEU B 275 -4.14 -28.29 4.16
C LEU B 275 -2.81 -28.75 3.57
N PHE B 276 -1.73 -28.13 4.03
CA PHE B 276 -0.39 -28.56 3.64
C PHE B 276 0.61 -27.93 4.58
N GLU B 277 1.85 -28.40 4.52
CA GLU B 277 2.91 -27.80 5.34
C GLU B 277 4.05 -27.30 4.46
N ALA B 278 4.85 -26.37 4.99
CA ALA B 278 5.92 -25.78 4.22
C ALA B 278 7.10 -25.53 5.16
N LYS B 279 8.30 -25.41 4.58
CA LYS B 279 9.48 -25.01 5.32
C LYS B 279 9.62 -23.50 5.17
N LEU B 280 9.76 -22.81 6.29
CA LEU B 280 10.02 -21.37 6.26
C LEU B 280 11.47 -21.20 6.69
N HIS B 281 12.32 -20.89 5.71
CA HIS B 281 13.77 -20.81 5.91
C HIS B 281 14.19 -19.51 6.60
N ARG B 282 15.28 -19.62 7.38
CA ARG B 282 15.84 -18.51 8.15
C ARG B 282 15.99 -17.23 7.34
N ASN B 283 16.41 -17.36 6.08
CA ASN B 283 16.64 -16.19 5.25
C ASN B 283 15.37 -15.52 4.74
N GLY B 284 14.21 -16.15 4.99
CA GLY B 284 12.93 -15.51 4.73
C GLY B 284 12.29 -15.93 3.42
N PHE B 285 12.09 -17.24 3.26
CA PHE B 285 11.40 -17.77 2.07
C PHE B 285 10.83 -19.17 2.40
N LEU B 286 9.88 -19.61 1.58
CA LEU B 286 9.18 -20.88 1.79
C LEU B 286 9.53 -21.91 0.73
N THR B 287 9.63 -23.17 1.13
CA THR B 287 9.61 -24.26 0.16
C THR B 287 8.51 -25.28 0.52
N VAL B 288 8.04 -26.00 -0.48
CA VAL B 288 7.05 -27.05 -0.26
C VAL B 288 7.50 -28.24 -1.08
N ALA B 289 6.94 -29.40 -0.77
CA ALA B 289 7.19 -30.59 -1.58
C ALA B 289 6.04 -30.71 -2.57
N ARG B 290 6.26 -30.17 -3.76
CA ARG B 290 5.24 -30.15 -4.79
C ARG B 290 5.98 -30.32 -6.11
N ASN B 291 5.40 -31.10 -7.03
CA ASN B 291 6.11 -31.37 -8.28
C ASN B 291 5.42 -30.75 -9.49
N SER B 292 4.58 -29.76 -9.23
CA SER B 292 3.84 -29.13 -10.31
C SER B 292 3.94 -27.62 -10.23
N ALA B 293 3.56 -26.96 -11.31
CA ALA B 293 3.57 -25.52 -11.40
C ALA B 293 2.15 -25.02 -11.39
N GLY B 294 1.98 -23.80 -10.90
CA GLY B 294 0.66 -23.21 -10.94
C GLY B 294 0.17 -22.80 -9.57
N PRO B 295 -1.05 -22.28 -9.53
CA PRO B 295 -1.63 -21.83 -8.27
C PRO B 295 -1.86 -22.99 -7.33
N VAL B 296 -1.84 -22.69 -6.04
CA VAL B 296 -2.31 -23.60 -5.03
C VAL B 296 -3.79 -23.29 -4.83
N VAL B 297 -4.65 -24.31 -4.97
CA VAL B 297 -6.06 -24.12 -4.75
C VAL B 297 -6.34 -24.33 -3.27
N ALA B 298 -6.74 -23.28 -2.58
N ALA B 298 -6.74 -23.25 -2.62
CA ALA B 298 -6.97 -23.39 -1.15
CA ALA B 298 -7.07 -23.26 -1.21
C ALA B 298 -8.17 -22.56 -0.69
C ALA B 298 -7.81 -21.97 -0.86
N PRO B 299 -8.81 -22.99 0.41
N PRO B 299 -8.58 -21.98 0.23
CA PRO B 299 -9.98 -22.25 0.92
CA PRO B 299 -9.39 -20.82 0.64
C PRO B 299 -9.59 -20.84 1.30
C PRO B 299 -8.55 -19.60 1.00
N THR B 300 -10.48 -19.89 1.06
N THR B 300 -8.98 -18.44 0.53
CA THR B 300 -10.22 -18.47 1.30
CA THR B 300 -8.26 -17.21 0.82
C THR B 300 -9.91 -18.10 2.74
C THR B 300 -8.36 -16.88 2.30
N ASN B 301 -10.25 -18.98 3.69
N ASN B 301 -9.18 -17.65 3.00
CA ASN B 301 -10.03 -18.67 5.11
CA ASN B 301 -9.42 -17.43 4.42
C ASN B 301 -8.68 -19.15 5.66
C ASN B 301 -8.45 -18.29 5.24
N GLY B 302 -7.89 -19.80 4.81
N GLY B 302 -7.69 -19.12 4.55
CA GLY B 302 -6.60 -20.35 5.23
CA GLY B 302 -6.71 -19.98 5.21
C GLY B 302 -5.48 -19.35 5.48
C GLY B 302 -5.46 -19.18 5.55
N TYR B 303 -4.59 -19.71 6.39
CA TYR B 303 -3.40 -18.93 6.75
C TYR B 303 -2.28 -19.85 7.28
N PHE B 304 -1.04 -19.35 7.27
CA PHE B 304 0.09 -20.10 7.82
C PHE B 304 0.23 -19.91 9.32
N ARG B 305 0.47 -21.02 10.00
CA ARG B 305 0.69 -21.05 11.44
C ARG B 305 2.04 -21.73 11.72
N PHE B 306 2.86 -21.13 12.57
CA PHE B 306 4.12 -21.72 12.98
C PHE B 306 3.85 -22.96 13.82
N ASP B 307 4.55 -24.04 13.51
CA ASP B 307 4.43 -25.31 14.21
C ASP B 307 5.64 -25.55 15.11
N SER B 308 6.82 -25.59 14.51
CA SER B 308 8.04 -25.94 15.23
C SER B 308 9.28 -25.65 14.40
N TRP B 309 10.44 -25.56 15.07
CA TRP B 309 11.71 -25.54 14.36
C TRP B 309 12.10 -26.95 13.93
N VAL B 310 12.55 -27.11 12.68
CA VAL B 310 13.06 -28.39 12.19
C VAL B 310 14.43 -28.15 11.53
N ASN B 311 14.91 -29.04 10.65
CA ASN B 311 16.17 -28.76 9.95
C ASN B 311 16.13 -29.04 8.44
N GLN B 312 17.26 -28.83 7.76
CA GLN B 312 17.28 -28.97 6.31
C GLN B 312 16.94 -30.39 5.87
N PHE B 313 17.12 -31.36 6.76
CA PHE B 313 16.85 -32.76 6.45
C PHE B 313 15.41 -33.21 6.73
N TYR B 314 14.61 -32.33 7.31
CA TYR B 314 13.21 -32.63 7.56
C TYR B 314 12.50 -32.87 6.23
N THR B 315 11.72 -33.94 6.17
CA THR B 315 11.00 -34.26 4.94
C THR B 315 9.58 -33.75 5.02
N LEU B 316 9.25 -32.83 4.12
CA LEU B 316 7.90 -32.28 4.05
C LEU B 316 6.89 -33.29 3.53
N ALA B 317 5.67 -33.25 4.08
CA ALA B 317 4.57 -34.03 3.54
C ALA B 317 4.26 -33.50 2.15
N PRO B 318 4.20 -34.38 1.14
CA PRO B 318 3.90 -34.00 -0.24
C PRO B 318 2.57 -33.29 -0.39
N MET B 319 2.50 -32.33 -1.32
CA MET B 319 1.26 -31.61 -1.62
C MET B 319 0.47 -32.27 -2.73
C1 NAG C . -3.97 5.80 -25.80
C2 NAG C . -2.69 5.95 -26.62
C3 NAG C . -2.37 4.61 -27.26
C4 NAG C . -2.36 3.49 -26.23
C5 NAG C . -3.57 3.59 -25.27
C6 NAG C . -3.51 2.56 -24.15
C7 NAG C . -2.00 8.06 -27.61
C8 NAG C . -2.27 9.11 -28.66
N2 NAG C . -2.83 7.02 -27.59
O1 NAG C . -4.36 7.07 -25.32
O3 NAG C . -1.11 4.68 -27.90
O4 NAG C . -2.44 2.27 -26.92
O5 NAG C . -3.69 4.90 -24.75
O6 NAG C . -2.29 2.63 -23.44
O7 NAG C . -1.05 8.20 -26.84
C1 GAL C . -1.33 1.42 -26.61
C2 GAL C . -1.72 0.00 -27.02
C3 GAL C . -0.51 -0.92 -27.05
C4 GAL C . 0.66 -0.28 -27.78
C5 GAL C . 0.95 1.04 -27.11
C6 GAL C . 2.13 1.75 -27.78
O2 GAL C . -2.65 -0.45 -26.06
O3 GAL C . -0.83 -2.16 -27.66
O4 GAL C . 0.30 0.01 -29.12
O5 GAL C . -0.18 1.87 -27.28
O6 GAL C . 3.26 0.90 -27.79
C1 FUL C . -3.76 -1.10 -26.70
C2 FUL C . -5.04 -0.70 -26.00
O2 FUL C . -5.24 0.72 -26.13
C3 FUL C . -6.21 -1.44 -26.62
O3 FUL C . -7.42 -1.15 -25.90
C4 FUL C . -5.94 -2.95 -26.61
O4 FUL C . -6.04 -3.49 -25.28
C5 FUL C . -4.59 -3.25 -27.22
C6 FUL C . -4.19 -4.72 -27.08
O5 FUL C . -3.58 -2.48 -26.55
N1 IMD D . -11.02 14.11 -16.29
C2 IMD D . -10.70 14.81 -17.42
N3 IMD D . -11.61 15.80 -17.59
C4 IMD D . -12.51 15.71 -16.57
C5 IMD D . -12.14 14.65 -15.76
N1 IMD E . -14.94 -3.62 8.50
C2 IMD E . -15.66 -2.51 8.70
N3 IMD E . -16.89 -2.82 9.18
C4 IMD E . -16.91 -4.17 9.32
C5 IMD E . -15.70 -4.68 8.89
N1 IMD F . -2.69 14.90 -18.51
C2 IMD F . -2.94 16.22 -18.58
N3 IMD F . -4.17 16.39 -19.12
C4 IMD F . -4.68 15.16 -19.37
C5 IMD F . -3.75 14.22 -18.99
C1 EDO G . -7.85 -3.59 -4.65
O1 EDO G . -7.90 -3.10 -5.98
C2 EDO G . -6.41 -3.75 -4.23
O2 EDO G . -6.39 -4.30 -2.92
C1 EDO H . 8.84 10.56 5.14
O1 EDO H . 9.51 10.24 6.37
C2 EDO H . 7.43 9.98 5.13
O2 EDO H . 7.59 8.55 5.20
C1 EDO I . -12.89 -6.80 2.12
O1 EDO I . -12.51 -5.53 1.56
C2 EDO I . -12.70 -7.93 1.09
O2 EDO I . -13.62 -7.78 0.02
C1 EDO J . -6.39 20.77 -11.15
O1 EDO J . -6.40 19.88 -12.27
C2 EDO J . -7.06 22.10 -11.47
O2 EDO J . -7.15 22.87 -10.26
C1 EDO K . 3.21 -3.85 12.07
O1 EDO K . 3.00 -2.99 10.95
C2 EDO K . 2.00 -3.81 13.00
O2 EDO K . 2.32 -4.60 14.15
C1 EDO L . -2.26 -12.53 17.56
O1 EDO L . -3.48 -12.65 18.30
C2 EDO L . -1.07 -12.66 18.51
O2 EDO L . -1.32 -11.89 19.69
C1 EDO M . -28.81 -2.42 6.69
O1 EDO M . -27.89 -2.18 7.77
C2 EDO M . -28.05 -2.47 5.37
O2 EDO M . -27.39 -1.20 5.19
C1 EDO N . -6.76 20.66 4.16
O1 EDO N . -5.88 20.36 3.05
C2 EDO N . -7.01 19.42 5.01
O2 EDO N . -7.83 18.55 4.25
C1 EDO O . 0.00 1.68 -2.21
C1 EDO O . -0.88 1.47 -2.04
O1 EDO O . 0.55 2.97 -1.90
O1 EDO O . -1.19 0.44 -2.99
C2 EDO O . -0.51 1.05 -0.92
C2 EDO O . 0.17 0.95 -1.08
O2 EDO O . 0.47 1.35 0.09
O2 EDO O . -0.36 -0.29 -0.61
C1 EDO P . -10.84 -6.37 6.18
O1 EDO P . -9.59 -6.62 5.50
C2 EDO P . -11.47 -7.59 6.85
O2 EDO P . -10.66 -8.76 6.64
N1 IMD Q . 18.94 -2.40 5.37
C2 IMD Q . 17.74 -1.90 5.76
N3 IMD Q . 16.79 -2.32 4.87
C4 IMD Q . 17.41 -3.06 3.93
C5 IMD Q . 18.76 -3.12 4.24
N1 IMD R . -2.73 6.92 -22.72
C2 IMD R . -2.26 7.95 -22.00
N3 IMD R . -1.13 8.40 -22.59
C4 IMD R . -0.89 7.64 -23.67
C5 IMD R . -1.90 6.71 -23.75
C1 EDO S . 7.20 7.19 -1.06
O1 EDO S . 6.93 8.11 -2.10
C2 EDO S . 5.91 7.01 -0.27
O2 EDO S . 6.21 6.25 0.89
C1 EDO T . 5.81 7.47 -23.73
O1 EDO T . 6.03 6.73 -24.94
C2 EDO T . 6.04 6.60 -22.51
O2 EDO T . 7.33 5.97 -22.59
C1 EDO U . 2.92 16.64 -2.16
O1 EDO U . 3.78 16.78 -1.02
C2 EDO U . 2.27 15.26 -2.14
O2 EDO U . 3.26 14.25 -2.38
C1 EDO V . 7.55 -6.36 19.75
O1 EDO V . 8.97 -6.41 19.94
C2 EDO V . 6.87 -7.31 20.73
O2 EDO V . 7.08 -8.67 20.33
C1 EDO W . 13.61 5.99 4.53
O1 EDO W . 14.23 6.84 3.56
C2 EDO W . 13.87 4.52 4.17
O2 EDO W . 13.24 4.11 2.95
C1 EDO X . 28.51 -0.33 -6.26
O1 EDO X . 28.64 -1.23 -7.38
C2 EDO X . 28.62 -1.14 -4.98
O2 EDO X . 28.89 -0.29 -3.86
C1 EDO Y . 28.87 0.74 -0.47
O1 EDO Y . 27.99 0.13 -1.43
C2 EDO Y . 29.80 -0.34 0.09
O2 EDO Y . 29.02 -1.45 0.53
C1 EDO Z . 5.17 -14.04 -15.40
O1 EDO Z . 4.19 -13.00 -15.59
C2 EDO Z . 5.89 -13.91 -14.06
O2 EDO Z . 6.49 -12.63 -14.00
C1 EDO AA . -0.90 -16.36 6.55
O1 EDO AA . -0.40 -17.13 5.44
C2 EDO AA . -0.52 -14.89 6.47
O2 EDO AA . -0.41 -14.27 7.76
C1 EDO BA . -0.24 11.45 -20.22
O1 EDO BA . -0.08 10.19 -20.86
C2 EDO BA . -0.21 11.22 -18.72
O2 EDO BA . -0.63 12.40 -18.05
C1 EDO CA . 21.90 -7.35 -13.72
O1 EDO CA . 20.80 -8.11 -14.22
C2 EDO CA . 22.26 -7.87 -12.33
O2 EDO CA . 22.32 -9.30 -12.34
#